data_2DC0
#
_entry.id   2DC0
#
_cell.length_a   81.340
_cell.length_b   81.340
_cell.length_c   313.260
_cell.angle_alpha   90.00
_cell.angle_beta   90.00
_cell.angle_gamma   90.00
#
_symmetry.space_group_name_H-M   'P 41 21 2'
#
loop_
_entity.id
_entity.type
_entity.pdbx_description
1 polymer 'probable amidase'
2 water water
#
_entity_poly.entity_id   1
_entity_poly.type   'polypeptide(L)'
_entity_poly.pdbx_seq_one_letter_code
;MDLLEAKRLLETGRTTPLALLEEALERAKAFQDRNALAYLDEEAARKEALALTEELRRGQVRGPLHGLPLTVKDLFPVKG
MPTRAGTKAPLPPLPEEARAVRRLREAGALLFAKTN(MSE)HEIALGITGENPWTGPVRNAVDPSRQAGGSSGGSAVAVA
LGIGLASLGTDTGGSIRIPAGFNGVVGFKPSYGRVSLEGALPLSRSTDHAGPLTRSVRDAHFLTEILAGESIPLEGVQNP
VFGVPLDFLEGRLGVEVRKAFTRLLEDLPALRAEVREVSLPLEGVYEVYTRLVRYEAARIHEKALKEHPEGFSPQVREAL
LAGLALTEKDYRDAVAEREALRLELVKALRGVDALLLPVQPLPAPPLGTEEVELESGRKGHREAFITLTLPFSLLGVPTL
ALPFAKVEG(MSE)PVGLQVVGAYGEDGKVLALGGWLEARLG
;
_entity_poly.pdbx_strand_id   A,B
#
# COMPACT_ATOMS: atom_id res chain seq x y z
N MET A 1 25.70 19.63 -20.85
CA MET A 1 26.41 18.61 -20.03
C MET A 1 25.53 18.25 -18.84
N ASP A 2 25.79 17.11 -18.21
CA ASP A 2 25.01 16.71 -17.05
C ASP A 2 25.86 16.74 -15.78
N LEU A 3 25.24 16.40 -14.65
CA LEU A 3 25.93 16.40 -13.36
C LEU A 3 27.23 15.61 -13.31
N LEU A 4 27.18 14.36 -13.75
CA LEU A 4 28.36 13.51 -13.71
C LEU A 4 29.48 13.95 -14.65
N GLU A 5 29.14 14.55 -15.79
CA GLU A 5 30.16 15.01 -16.71
C GLU A 5 30.81 16.26 -16.11
N ALA A 6 29.99 17.15 -15.53
CA ALA A 6 30.50 18.37 -14.92
C ALA A 6 31.39 18.00 -13.74
N LYS A 7 31.00 16.95 -13.02
CA LYS A 7 31.73 16.49 -11.86
C LYS A 7 33.11 15.97 -12.32
N ARG A 8 33.15 15.43 -13.53
CA ARG A 8 34.38 14.90 -14.12
C ARG A 8 35.31 16.05 -14.54
N LEU A 9 34.71 17.11 -15.08
CA LEU A 9 35.48 18.27 -15.51
C LEU A 9 36.09 18.96 -14.30
N LEU A 10 35.37 18.95 -13.19
CA LEU A 10 35.87 19.56 -11.96
C LEU A 10 37.05 18.78 -11.40
N GLU A 11 36.94 17.46 -11.42
CA GLU A 11 38.00 16.61 -10.89
C GLU A 11 39.26 16.67 -11.75
N THR A 12 39.09 16.88 -13.05
CA THR A 12 40.22 16.96 -13.96
C THR A 12 40.73 18.38 -14.11
N GLY A 13 40.13 19.29 -13.35
CA GLY A 13 40.55 20.69 -13.40
C GLY A 13 40.27 21.40 -14.71
N ARG A 14 39.24 20.97 -15.43
CA ARG A 14 38.90 21.61 -16.70
C ARG A 14 37.86 22.73 -16.50
N THR A 15 37.36 22.84 -15.27
CA THR A 15 36.38 23.88 -14.96
C THR A 15 36.36 24.09 -13.44
N THR A 16 35.60 25.09 -13.00
CA THR A 16 35.49 25.39 -11.57
C THR A 16 34.02 25.69 -11.21
N PRO A 17 33.69 25.66 -9.92
CA PRO A 17 32.33 25.94 -9.45
C PRO A 17 31.90 27.32 -9.92
N LEU A 18 32.82 28.26 -9.88
CA LEU A 18 32.54 29.62 -10.31
C LEU A 18 32.14 29.64 -11.79
N ALA A 19 32.86 28.89 -12.62
CA ALA A 19 32.58 28.84 -14.05
C ALA A 19 31.24 28.15 -14.31
N LEU A 20 30.96 27.09 -13.57
CA LEU A 20 29.70 26.38 -13.75
C LEU A 20 28.54 27.31 -13.40
N LEU A 21 28.73 28.13 -12.36
CA LEU A 21 27.68 29.07 -11.96
C LEU A 21 27.47 30.13 -13.03
N GLU A 22 28.56 30.74 -13.50
CA GLU A 22 28.45 31.75 -14.54
C GLU A 22 27.66 31.23 -15.73
N GLU A 23 27.89 29.98 -16.08
CA GLU A 23 27.19 29.37 -17.20
C GLU A 23 25.69 29.33 -16.90
N ALA A 24 25.34 28.89 -15.69
CA ALA A 24 23.95 28.81 -15.27
C ALA A 24 23.28 30.18 -15.29
N LEU A 25 24.00 31.19 -14.80
CA LEU A 25 23.47 32.55 -14.75
C LEU A 25 23.31 33.17 -16.14
N GLU A 26 24.14 32.77 -17.09
CA GLU A 26 24.02 33.30 -18.45
C GLU A 26 22.75 32.73 -19.08
N ARG A 27 22.51 31.44 -18.84
CA ARG A 27 21.33 30.78 -19.37
C ARG A 27 20.07 31.36 -18.73
N ALA A 28 20.13 31.63 -17.43
CA ALA A 28 18.97 32.18 -16.73
C ALA A 28 18.63 33.54 -17.32
N LYS A 29 19.66 34.33 -17.60
CA LYS A 29 19.44 35.65 -18.16
C LYS A 29 18.90 35.54 -19.59
N ALA A 30 19.51 34.67 -20.40
CA ALA A 30 19.10 34.49 -21.79
C ALA A 30 17.65 34.02 -21.97
N PHE A 31 17.21 33.11 -21.12
CA PHE A 31 15.86 32.55 -21.19
C PHE A 31 14.98 33.03 -20.05
N GLN A 32 15.29 34.23 -19.55
CA GLN A 32 14.54 34.81 -18.45
C GLN A 32 13.04 34.88 -18.71
N ASP A 33 12.66 35.10 -19.97
CA ASP A 33 11.25 35.19 -20.31
C ASP A 33 10.48 33.87 -20.12
N ARG A 34 11.21 32.76 -19.98
CA ARG A 34 10.55 31.49 -19.75
C ARG A 34 9.98 31.47 -18.32
N ASN A 35 10.45 32.41 -17.50
CA ASN A 35 9.98 32.58 -16.13
C ASN A 35 10.11 31.34 -15.25
N ALA A 36 11.24 30.65 -15.38
CA ALA A 36 11.48 29.42 -14.61
C ALA A 36 11.89 29.65 -13.16
N LEU A 37 12.45 30.81 -12.85
CA LEU A 37 12.91 31.07 -11.50
C LEU A 37 12.02 31.95 -10.63
N ALA A 38 11.79 31.51 -9.39
CA ALA A 38 10.96 32.26 -8.46
C ALA A 38 11.85 33.21 -7.64
N TYR A 39 13.10 32.80 -7.43
CA TYR A 39 14.03 33.61 -6.65
C TYR A 39 15.48 33.35 -7.07
N LEU A 40 16.25 34.43 -7.25
CA LEU A 40 17.65 34.32 -7.63
C LEU A 40 18.48 35.46 -7.04
N ASP A 41 19.47 35.12 -6.23
CA ASP A 41 20.36 36.12 -5.65
C ASP A 41 21.75 35.81 -6.21
N GLU A 42 22.09 36.48 -7.30
CA GLU A 42 23.37 36.26 -7.95
C GLU A 42 24.57 36.52 -7.05
N GLU A 43 24.53 37.62 -6.30
CA GLU A 43 25.63 37.96 -5.40
C GLU A 43 25.87 36.87 -4.36
N ALA A 44 24.82 36.47 -3.66
CA ALA A 44 24.95 35.42 -2.65
C ALA A 44 25.45 34.14 -3.30
N ALA A 45 24.96 33.84 -4.50
CA ALA A 45 25.36 32.64 -5.21
C ALA A 45 26.83 32.71 -5.61
N ARG A 46 27.25 33.85 -6.15
CA ARG A 46 28.64 34.01 -6.56
C ARG A 46 29.56 33.92 -5.34
N LYS A 47 29.15 34.50 -4.22
CA LYS A 47 29.94 34.46 -3.01
C LYS A 47 30.21 33.00 -2.60
N GLU A 48 29.16 32.18 -2.64
CA GLU A 48 29.28 30.76 -2.29
C GLU A 48 30.13 30.05 -3.33
N ALA A 49 29.93 30.41 -4.61
CA ALA A 49 30.68 29.82 -5.69
C ALA A 49 32.19 30.02 -5.48
N LEU A 50 32.56 31.22 -5.04
CA LEU A 50 33.96 31.54 -4.80
C LEU A 50 34.55 30.64 -3.71
N ALA A 51 33.81 30.48 -2.62
CA ALA A 51 34.23 29.64 -1.51
C ALA A 51 34.44 28.20 -1.95
N LEU A 52 33.49 27.67 -2.73
CA LEU A 52 33.60 26.30 -3.20
C LEU A 52 34.76 26.13 -4.18
N THR A 53 35.03 27.16 -4.96
CA THR A 53 36.11 27.12 -5.93
C THR A 53 37.47 27.03 -5.21
N GLU A 54 37.66 27.89 -4.22
CA GLU A 54 38.91 27.90 -3.47
C GLU A 54 39.10 26.59 -2.70
N GLU A 55 38.02 26.08 -2.09
CA GLU A 55 38.10 24.83 -1.34
C GLU A 55 38.58 23.70 -2.24
N LEU A 56 38.01 23.62 -3.44
CA LEU A 56 38.38 22.60 -4.40
C LEU A 56 39.85 22.72 -4.80
N ARG A 57 40.32 23.94 -4.99
CA ARG A 57 41.71 24.14 -5.39
C ARG A 57 42.68 23.62 -4.33
N ARG A 58 42.26 23.64 -3.07
CA ARG A 58 43.13 23.17 -2.00
C ARG A 58 42.73 21.80 -1.48
N GLY A 59 42.09 21.01 -2.34
CA GLY A 59 41.67 19.66 -1.99
C GLY A 59 40.69 19.47 -0.84
N GLN A 60 39.78 20.42 -0.65
CA GLN A 60 38.79 20.32 0.41
C GLN A 60 37.40 20.10 -0.20
N VAL A 61 37.08 18.84 -0.50
CA VAL A 61 35.80 18.49 -1.09
C VAL A 61 34.73 18.22 -0.04
N ARG A 62 33.66 19.00 -0.05
CA ARG A 62 32.58 18.86 0.91
C ARG A 62 31.80 17.57 0.70
N GLY A 63 31.60 17.18 -0.55
CA GLY A 63 30.86 15.97 -0.83
C GLY A 63 30.79 15.67 -2.33
N PRO A 64 29.96 14.71 -2.74
CA PRO A 64 29.82 14.34 -4.15
C PRO A 64 29.24 15.40 -5.07
N LEU A 65 28.55 16.38 -4.50
CA LEU A 65 27.95 17.45 -5.30
C LEU A 65 28.72 18.76 -5.19
N HIS A 66 29.90 18.72 -4.58
CA HIS A 66 30.71 19.92 -4.38
C HIS A 66 30.86 20.83 -5.61
N GLY A 67 30.35 22.05 -5.48
CA GLY A 67 30.46 23.02 -6.55
C GLY A 67 29.49 22.92 -7.71
N LEU A 68 28.57 21.96 -7.66
CA LEU A 68 27.60 21.80 -8.75
C LEU A 68 26.34 22.65 -8.51
N PRO A 69 26.00 23.51 -9.48
CA PRO A 69 24.83 24.39 -9.39
C PRO A 69 23.52 23.65 -9.62
N LEU A 70 22.62 23.76 -8.64
CA LEU A 70 21.30 23.11 -8.71
C LEU A 70 20.24 24.10 -8.27
N THR A 71 19.00 23.86 -8.67
CA THR A 71 17.88 24.72 -8.28
C THR A 71 16.93 23.88 -7.42
N VAL A 72 16.01 24.54 -6.71
CA VAL A 72 15.07 23.88 -5.82
C VAL A 72 13.65 24.42 -5.95
N LYS A 73 12.67 23.54 -6.14
CA LYS A 73 11.26 23.93 -6.27
C LYS A 73 10.90 24.80 -5.07
N ASP A 74 10.14 25.87 -5.28
CA ASP A 74 9.82 26.79 -4.18
C ASP A 74 8.86 26.37 -3.07
N LEU A 75 8.88 25.10 -2.69
CA LEU A 75 8.06 24.62 -1.57
C LEU A 75 9.01 24.04 -0.53
N PHE A 76 10.28 23.94 -0.91
CA PHE A 76 11.34 23.42 -0.05
C PHE A 76 12.12 24.62 0.52
N PRO A 77 12.14 24.79 1.84
CA PRO A 77 12.87 25.93 2.38
C PRO A 77 14.38 25.79 2.11
N VAL A 78 15.02 26.88 1.75
CA VAL A 78 16.46 26.88 1.49
C VAL A 78 17.04 28.04 2.27
N LYS A 79 18.16 27.81 2.96
CA LYS A 79 18.79 28.86 3.75
C LYS A 79 19.09 30.09 2.90
N GLY A 80 18.75 31.26 3.43
CA GLY A 80 19.01 32.51 2.73
C GLY A 80 18.03 32.85 1.62
N MET A 81 16.99 32.02 1.45
CA MET A 81 16.00 32.25 0.40
C MET A 81 14.57 32.16 0.91
N PRO A 82 13.68 33.03 0.42
CA PRO A 82 12.27 32.99 0.85
C PRO A 82 11.55 31.81 0.22
N THR A 83 10.47 31.37 0.86
CA THR A 83 9.64 30.26 0.37
C THR A 83 8.25 30.82 0.13
N ARG A 84 7.80 30.86 -1.12
CA ARG A 84 6.49 31.41 -1.45
C ARG A 84 5.46 30.42 -1.98
N ALA A 85 5.94 29.27 -2.44
CA ALA A 85 5.07 28.20 -2.94
C ALA A 85 4.12 28.65 -4.07
N GLY A 86 4.57 29.64 -4.84
CA GLY A 86 3.79 30.14 -5.96
C GLY A 86 2.43 30.72 -5.58
N THR A 87 2.29 31.17 -4.34
CA THR A 87 1.02 31.73 -3.89
C THR A 87 1.19 33.07 -3.18
N LYS A 88 0.07 33.76 -2.95
CA LYS A 88 0.09 35.03 -2.25
C LYS A 88 -0.51 34.85 -0.86
N ALA A 89 -1.07 33.66 -0.62
CA ALA A 89 -1.67 33.36 0.68
C ALA A 89 -0.62 33.01 1.71
N PRO A 90 -0.96 33.17 3.00
CA PRO A 90 0.00 32.82 4.05
C PRO A 90 0.22 31.31 4.07
N LEU A 91 1.41 30.88 4.44
CA LEU A 91 1.72 29.45 4.49
C LEU A 91 1.89 28.97 5.93
N PRO A 92 1.69 27.66 6.17
CA PRO A 92 1.85 27.12 7.52
C PRO A 92 3.31 27.31 7.91
N PRO A 93 3.63 27.16 9.20
CA PRO A 93 5.02 27.33 9.66
C PRO A 93 5.96 26.28 9.08
N LEU A 94 7.11 26.73 8.61
CA LEU A 94 8.11 25.84 8.03
C LEU A 94 9.49 26.18 8.59
N PRO A 95 10.38 25.19 8.63
CA PRO A 95 11.73 25.43 9.14
C PRO A 95 12.55 26.22 8.13
N GLU A 96 13.75 26.62 8.53
CA GLU A 96 14.63 27.40 7.66
C GLU A 96 15.14 26.60 6.46
N GLU A 97 15.25 25.29 6.62
CA GLU A 97 15.73 24.43 5.55
C GLU A 97 15.07 23.07 5.58
N ALA A 98 14.68 22.59 4.40
CA ALA A 98 14.04 21.28 4.28
C ALA A 98 15.10 20.20 4.41
N ARG A 99 14.70 19.04 4.91
CA ARG A 99 15.64 17.94 5.09
C ARG A 99 16.30 17.53 3.77
N ALA A 100 15.51 17.45 2.71
CA ALA A 100 16.05 17.05 1.41
C ALA A 100 17.09 18.06 0.90
N VAL A 101 16.88 19.34 1.21
CA VAL A 101 17.79 20.40 0.79
C VAL A 101 19.10 20.26 1.58
N ARG A 102 18.99 19.93 2.86
CA ARG A 102 20.16 19.73 3.70
C ARG A 102 21.02 18.60 3.12
N ARG A 103 20.36 17.60 2.56
CA ARG A 103 21.07 16.47 1.95
C ARG A 103 21.92 16.99 0.80
N LEU A 104 21.34 17.86 -0.01
CA LEU A 104 22.05 18.42 -1.16
C LEU A 104 23.15 19.37 -0.71
N ARG A 105 22.82 20.26 0.21
CA ARG A 105 23.81 21.23 0.71
C ARG A 105 25.01 20.55 1.37
N GLU A 106 24.75 19.58 2.24
CA GLU A 106 25.86 18.90 2.91
C GLU A 106 26.70 18.11 1.92
N ALA A 107 26.13 17.81 0.75
CA ALA A 107 26.86 17.08 -0.27
C ALA A 107 27.78 18.06 -1.02
N GLY A 108 27.60 19.35 -0.75
CA GLY A 108 28.44 20.35 -1.38
C GLY A 108 27.83 21.08 -2.57
N ALA A 109 26.57 20.78 -2.85
CA ALA A 109 25.90 21.39 -3.98
C ALA A 109 25.73 22.89 -3.82
N LEU A 110 25.77 23.60 -4.94
CA LEU A 110 25.59 25.04 -4.92
C LEU A 110 24.13 25.32 -5.31
N LEU A 111 23.29 25.52 -4.30
CA LEU A 111 21.88 25.81 -4.53
C LEU A 111 21.77 27.31 -4.76
N PHE A 112 21.56 27.71 -6.00
CA PHE A 112 21.52 29.14 -6.32
C PHE A 112 20.16 29.77 -6.62
N ALA A 113 19.10 28.98 -6.65
CA ALA A 113 17.81 29.58 -6.94
C ALA A 113 16.61 28.70 -6.65
N LYS A 114 15.47 29.35 -6.45
CA LYS A 114 14.22 28.65 -6.18
C LYS A 114 13.49 28.69 -7.52
N THR A 115 12.83 27.61 -7.90
CA THR A 115 12.12 27.61 -9.18
C THR A 115 10.61 27.83 -9.12
N ASN A 116 9.96 28.22 -10.03
CA ASN A 116 8.56 28.58 -9.83
C ASN A 116 7.83 27.24 -9.98
N HIS A 118 3.49 25.61 -9.83
CA HIS A 118 2.05 25.81 -9.88
C HIS A 118 1.69 26.12 -8.43
N GLU A 119 0.78 27.07 -8.24
CA GLU A 119 0.38 27.49 -6.90
C GLU A 119 0.12 26.35 -5.91
N ILE A 120 0.87 26.42 -4.81
CA ILE A 120 0.88 25.45 -3.70
C ILE A 120 0.94 24.01 -4.17
N ALA A 121 1.46 23.82 -5.39
CA ALA A 121 1.61 22.50 -6.00
C ALA A 121 0.28 21.83 -6.33
N LEU A 122 -0.79 22.60 -6.29
CA LEU A 122 -2.11 22.04 -6.59
C LEU A 122 -2.51 22.33 -8.02
N GLY A 123 -1.85 21.64 -8.96
CA GLY A 123 -2.15 21.84 -10.36
C GLY A 123 -1.01 21.35 -11.22
N ILE A 124 -1.31 21.04 -12.48
CA ILE A 124 -0.28 20.55 -13.39
C ILE A 124 -0.09 21.36 -14.67
N THR A 125 -0.70 22.54 -14.76
CA THR A 125 -0.56 23.36 -15.97
C THR A 125 0.71 24.22 -15.96
N GLY A 126 1.06 24.73 -14.78
CA GLY A 126 2.23 25.57 -14.70
C GLY A 126 1.81 27.01 -14.92
N GLU A 127 0.52 27.22 -15.12
CA GLU A 127 0.00 28.57 -15.31
C GLU A 127 -0.27 29.10 -13.90
N ASN A 128 0.20 30.31 -13.63
CA ASN A 128 0.10 30.91 -12.31
C ASN A 128 -0.13 32.42 -12.49
N PRO A 129 -1.29 32.93 -12.05
CA PRO A 129 -1.63 34.35 -12.16
C PRO A 129 -0.81 35.26 -11.26
N TRP A 130 -0.22 34.69 -10.20
CA TRP A 130 0.58 35.48 -9.27
C TRP A 130 1.99 35.75 -9.78
N THR A 131 2.65 34.70 -10.24
CA THR A 131 4.02 34.77 -10.73
C THR A 131 4.11 34.91 -12.24
N GLY A 132 3.00 34.61 -12.91
CA GLY A 132 3.01 34.64 -14.36
C GLY A 132 3.24 33.19 -14.74
N PRO A 133 2.83 32.76 -15.93
CA PRO A 133 3.04 31.36 -16.31
C PRO A 133 4.49 30.96 -16.57
N VAL A 134 4.80 29.71 -16.26
CA VAL A 134 6.13 29.17 -16.52
C VAL A 134 5.92 28.66 -17.94
N ARG A 135 6.80 29.06 -18.85
CA ARG A 135 6.69 28.67 -20.25
C ARG A 135 7.60 27.52 -20.61
N ASN A 136 7.05 26.63 -21.44
CA ASN A 136 7.77 25.46 -21.91
C ASN A 136 9.14 25.79 -22.47
N ALA A 137 10.13 24.98 -22.13
CA ALA A 137 11.51 25.20 -22.57
C ALA A 137 11.66 25.19 -24.09
N VAL A 138 10.91 24.33 -24.77
CA VAL A 138 11.00 24.22 -26.22
C VAL A 138 10.17 25.24 -27.00
N ASP A 139 8.98 25.54 -26.48
CA ASP A 139 8.09 26.50 -27.14
C ASP A 139 7.40 27.31 -26.05
N PRO A 140 7.76 28.59 -25.90
CA PRO A 140 7.19 29.48 -24.89
C PRO A 140 5.68 29.71 -25.00
N SER A 141 5.06 29.26 -26.10
CA SER A 141 3.63 29.42 -26.28
C SER A 141 2.90 28.22 -25.69
N ARG A 142 3.66 27.20 -25.33
CA ARG A 142 3.10 25.96 -24.76
C ARG A 142 3.31 25.89 -23.26
N GLN A 143 2.47 25.11 -22.58
CA GLN A 143 2.56 24.94 -21.14
C GLN A 143 3.85 24.23 -20.72
N ALA A 144 4.47 24.72 -19.66
CA ALA A 144 5.66 24.09 -19.10
C ALA A 144 5.07 22.93 -18.31
N GLY A 145 4.06 23.07 -18.00
CA GLY A 145 3.36 22.04 -17.26
C GLY A 145 3.67 22.05 -15.78
N GLY A 146 3.05 21.12 -14.90
CA GLY A 146 3.39 21.17 -13.49
C GLY A 146 3.43 20.02 -12.51
N SER A 147 3.60 20.46 -11.04
CA SER A 147 3.59 21.81 -10.50
C SER A 147 5.10 21.97 -10.34
N SER A 148 6.12 21.14 -10.85
CA SER A 148 7.57 21.36 -10.73
C SER A 148 7.97 21.92 -12.10
N GLY A 149 7.13 22.80 -12.64
CA GLY A 149 7.38 23.39 -13.96
C GLY A 149 8.68 24.14 -14.12
N GLY A 150 8.92 25.11 -13.23
CA GLY A 150 10.15 25.87 -13.30
C GLY A 150 11.35 24.98 -13.21
N SER A 151 11.29 23.95 -12.37
CA SER A 151 12.42 23.05 -12.22
C SER A 151 12.74 22.28 -13.50
N ALA A 152 11.72 21.79 -14.18
CA ALA A 152 11.91 21.04 -15.41
C ALA A 152 12.48 21.96 -16.51
N VAL A 153 11.91 23.15 -16.63
CA VAL A 153 12.36 24.10 -17.65
C VAL A 153 13.79 24.54 -17.38
N ALA A 154 14.12 24.76 -16.11
CA ALA A 154 15.47 25.18 -15.74
C ALA A 154 16.48 24.10 -16.18
N VAL A 155 16.17 22.85 -15.84
CA VAL A 155 17.04 21.73 -16.19
C VAL A 155 17.15 21.57 -17.71
N ALA A 156 16.03 21.73 -18.41
CA ALA A 156 16.02 21.61 -19.86
C ALA A 156 16.87 22.69 -20.54
N LEU A 157 16.87 23.89 -19.97
CA LEU A 157 17.59 25.02 -20.53
C LEU A 157 19.02 25.19 -20.00
N GLY A 158 19.43 24.35 -19.07
CA GLY A 158 20.77 24.47 -18.53
C GLY A 158 20.90 25.48 -17.40
N ILE A 159 19.77 25.91 -16.85
CA ILE A 159 19.79 26.86 -15.74
C ILE A 159 19.98 25.99 -14.51
N GLY A 160 21.23 25.59 -14.29
CA GLY A 160 21.53 24.69 -13.19
C GLY A 160 21.59 23.33 -13.86
N LEU A 161 22.31 22.38 -13.26
CA LEU A 161 22.48 21.04 -13.84
C LEU A 161 21.39 20.04 -13.45
N ALA A 162 20.62 20.34 -12.43
CA ALA A 162 19.55 19.47 -11.98
C ALA A 162 18.66 20.26 -11.04
N SER A 163 17.54 19.66 -10.65
CA SER A 163 16.63 20.35 -9.76
C SER A 163 15.87 19.38 -8.87
N LEU A 164 15.36 19.90 -7.76
CA LEU A 164 14.59 19.10 -6.80
C LEU A 164 13.14 19.56 -6.82
N GLY A 165 12.22 18.62 -7.02
CA GLY A 165 10.81 18.97 -7.06
C GLY A 165 9.99 17.92 -6.32
N THR A 166 8.67 17.96 -6.47
CA THR A 166 7.81 16.97 -5.83
C THR A 166 6.82 16.39 -6.82
N ASP A 167 6.24 15.26 -6.47
CA ASP A 167 5.28 14.59 -7.34
C ASP A 167 4.22 13.94 -6.46
N THR A 168 2.97 14.40 -6.60
CA THR A 168 1.87 13.86 -5.81
C THR A 168 0.93 13.09 -6.73
N GLY A 169 0.70 13.66 -7.92
CA GLY A 169 -0.16 13.04 -8.90
C GLY A 169 0.51 13.03 -10.26
N GLY A 170 1.78 13.44 -10.27
CA GLY A 170 2.56 13.49 -11.50
C GLY A 170 3.38 14.75 -11.65
N SER A 171 3.39 15.59 -10.61
CA SER A 171 4.11 16.85 -10.66
C SER A 171 5.59 16.86 -11.00
N ILE A 172 6.21 15.69 -11.07
CA ILE A 172 7.61 15.59 -11.46
C ILE A 172 7.64 15.01 -12.88
N ARG A 173 6.94 13.90 -13.07
CA ARG A 173 6.90 13.23 -14.37
C ARG A 173 6.26 14.04 -15.50
N ILE A 174 5.14 14.72 -15.20
CA ILE A 174 4.46 15.51 -16.22
C ILE A 174 5.34 16.64 -16.79
N PRO A 175 5.92 17.49 -15.93
CA PRO A 175 6.76 18.55 -16.47
C PRO A 175 8.02 18.00 -17.16
N ALA A 176 8.53 16.87 -16.67
CA ALA A 176 9.70 16.26 -17.29
C ALA A 176 9.31 15.86 -18.71
N GLY A 177 8.17 15.22 -18.86
CA GLY A 177 7.72 14.81 -20.18
C GLY A 177 7.54 16.00 -21.11
N PHE A 178 6.80 16.99 -20.65
CA PHE A 178 6.51 18.21 -21.39
C PHE A 178 7.74 18.95 -21.91
N ASN A 179 8.79 18.98 -21.08
CA ASN A 179 10.01 19.71 -21.42
C ASN A 179 11.18 18.86 -21.91
N GLY A 180 10.99 17.55 -21.99
CA GLY A 180 12.06 16.68 -22.50
C GLY A 180 13.23 16.40 -21.58
N VAL A 181 12.97 16.31 -20.28
CA VAL A 181 14.05 15.99 -19.34
C VAL A 181 13.67 14.72 -18.59
N VAL A 182 14.55 14.30 -17.69
CA VAL A 182 14.34 13.09 -16.90
C VAL A 182 13.75 13.47 -15.55
N GLY A 183 12.74 12.73 -15.12
CA GLY A 183 12.14 13.00 -13.83
C GLY A 183 11.94 11.71 -13.09
N PHE A 184 12.45 11.61 -11.86
CA PHE A 184 12.28 10.36 -11.14
C PHE A 184 11.50 10.51 -9.83
N LYS A 185 10.42 9.73 -9.70
CA LYS A 185 9.62 9.72 -8.47
C LYS A 185 9.96 8.40 -7.79
N PRO A 186 10.81 8.45 -6.75
CA PRO A 186 11.20 7.24 -6.02
C PRO A 186 10.03 6.66 -5.26
N SER A 187 10.25 5.51 -4.63
CA SER A 187 9.21 4.88 -3.83
C SER A 187 8.84 5.89 -2.77
N TYR A 188 7.58 5.87 -2.36
CA TYR A 188 7.10 6.80 -1.33
C TYR A 188 8.03 6.80 -0.11
N GLY A 189 8.31 7.99 0.40
CA GLY A 189 9.14 8.11 1.59
C GLY A 189 10.64 7.90 1.51
N ARG A 190 11.14 7.40 0.39
CA ARG A 190 12.58 7.19 0.28
C ARG A 190 13.35 8.49 0.48
N VAL A 191 12.84 9.58 -0.10
CA VAL A 191 13.46 10.89 0.04
C VAL A 191 12.59 11.67 1.02
N SER A 192 13.20 12.15 2.10
CA SER A 192 12.45 12.87 3.12
C SER A 192 11.79 14.16 2.66
N LEU A 193 10.54 14.34 3.09
CA LEU A 193 9.79 15.54 2.78
C LEU A 193 9.65 16.40 4.04
N GLU A 194 10.49 16.10 5.03
CA GLU A 194 10.48 16.85 6.28
C GLU A 194 10.91 18.31 6.03
N GLY A 195 10.16 19.24 6.60
CA GLY A 195 10.49 20.66 6.44
C GLY A 195 9.97 21.28 5.15
N ALA A 196 9.36 20.48 4.30
CA ALA A 196 8.81 20.96 3.04
C ALA A 196 7.31 21.17 3.16
N LEU A 197 6.79 22.12 2.40
CA LEU A 197 5.35 22.39 2.42
C LEU A 197 4.63 21.18 1.84
N PRO A 198 3.75 20.55 2.62
CA PRO A 198 3.05 19.38 2.09
C PRO A 198 1.79 19.72 1.27
N LEU A 199 1.34 18.77 0.45
CA LEU A 199 0.11 18.93 -0.30
C LEU A 199 -0.75 17.81 0.26
N SER A 200 -0.33 16.59 -0.01
CA SER A 200 -1.00 15.39 0.48
C SER A 200 0.12 14.58 1.14
N ARG A 201 0.18 14.63 2.46
CA ARG A 201 1.23 13.90 3.18
C ARG A 201 1.34 12.41 2.87
N SER A 202 0.22 11.75 2.60
CA SER A 202 0.26 10.31 2.31
C SER A 202 0.44 10.00 0.83
N THR A 203 0.61 11.04 0.02
CA THR A 203 0.78 10.83 -1.41
C THR A 203 1.94 11.64 -2.01
N ASP A 204 2.44 12.63 -1.28
CA ASP A 204 3.55 13.47 -1.76
C ASP A 204 4.84 12.66 -1.90
N HIS A 205 5.68 13.05 -2.86
CA HIS A 205 6.98 12.42 -3.11
C HIS A 205 8.00 13.49 -3.48
N ALA A 206 9.23 13.35 -2.99
CA ALA A 206 10.30 14.28 -3.33
C ALA A 206 11.16 13.54 -4.36
N GLY A 207 11.63 14.24 -5.38
CA GLY A 207 12.42 13.58 -6.39
C GLY A 207 13.18 14.53 -7.30
N PRO A 208 14.21 14.05 -8.01
CA PRO A 208 15.02 14.88 -8.90
C PRO A 208 14.55 15.02 -10.35
N LEU A 209 14.98 16.12 -10.96
CA LEU A 209 14.75 16.44 -12.36
C LEU A 209 16.17 16.58 -12.89
N THR A 210 16.50 15.77 -13.88
CA THR A 210 17.84 15.75 -14.45
C THR A 210 17.86 15.68 -15.97
N ARG A 211 19.07 15.72 -16.53
CA ARG A 211 19.24 15.64 -17.98
C ARG A 211 19.52 14.20 -18.42
N SER A 212 19.75 13.30 -17.48
CA SER A 212 20.03 11.91 -17.83
C SER A 212 19.61 10.96 -16.72
N VAL A 213 19.49 9.68 -17.05
CA VAL A 213 19.10 8.70 -16.07
C VAL A 213 20.20 8.46 -15.04
N ARG A 214 21.46 8.52 -15.47
CA ARG A 214 22.56 8.29 -14.52
C ARG A 214 22.58 9.40 -13.47
N ASP A 215 22.19 10.61 -13.86
CA ASP A 215 22.12 11.73 -12.92
C ASP A 215 20.97 11.48 -11.93
N ALA A 216 19.85 10.99 -12.45
CA ALA A 216 18.68 10.72 -11.61
C ALA A 216 19.02 9.74 -10.49
N HIS A 217 19.73 8.68 -10.84
CA HIS A 217 20.15 7.66 -9.88
C HIS A 217 21.15 8.26 -8.89
N PHE A 218 22.14 8.97 -9.42
CA PHE A 218 23.18 9.60 -8.62
C PHE A 218 22.59 10.53 -7.56
N LEU A 219 21.71 11.41 -7.99
CA LEU A 219 21.07 12.37 -7.11
C LEU A 219 20.10 11.72 -6.12
N THR A 220 19.39 10.68 -6.56
CA THR A 220 18.45 9.99 -5.68
C THR A 220 19.17 9.33 -4.52
N GLU A 221 20.36 8.77 -4.77
CA GLU A 221 21.13 8.14 -3.70
C GLU A 221 21.49 9.20 -2.65
N ILE A 222 21.91 10.37 -3.12
CA ILE A 222 22.27 11.46 -2.23
C ILE A 222 21.05 11.97 -1.47
N LEU A 223 19.94 12.12 -2.17
CA LEU A 223 18.70 12.60 -1.55
C LEU A 223 18.14 11.62 -0.54
N ALA A 224 18.28 10.33 -0.82
CA ALA A 224 17.78 9.30 0.07
C ALA A 224 18.80 8.98 1.17
N GLY A 225 20.05 9.35 0.94
CA GLY A 225 21.08 9.08 1.91
C GLY A 225 21.46 7.61 1.97
N GLU A 226 21.31 6.91 0.86
CA GLU A 226 21.64 5.49 0.82
C GLU A 226 22.00 5.10 -0.61
N SER A 227 22.81 4.06 -0.75
CA SER A 227 23.20 3.61 -2.08
C SER A 227 22.08 2.76 -2.65
N ILE A 228 21.92 2.83 -3.96
CA ILE A 228 20.89 2.08 -4.67
C ILE A 228 21.58 1.24 -5.74
N PRO A 229 21.78 -0.06 -5.48
CA PRO A 229 22.43 -0.96 -6.42
C PRO A 229 21.78 -0.96 -7.82
N LEU A 230 22.62 -0.97 -8.85
CA LEU A 230 22.14 -0.99 -10.23
C LEU A 230 22.54 -2.30 -10.87
N GLU A 231 21.61 -3.24 -10.94
CA GLU A 231 21.89 -4.54 -11.54
C GLU A 231 21.87 -4.45 -13.07
N GLY A 232 22.62 -5.33 -13.71
CA GLY A 232 22.67 -5.33 -15.16
C GLY A 232 21.31 -5.66 -15.73
N VAL A 233 21.09 -5.26 -16.99
CA VAL A 233 19.82 -5.55 -17.64
C VAL A 233 20.04 -6.52 -18.78
N GLN A 234 19.22 -7.57 -18.82
CA GLN A 234 19.29 -8.59 -19.86
C GLN A 234 17.91 -9.14 -20.15
N ASN A 235 17.48 -9.04 -21.40
CA ASN A 235 16.18 -9.56 -21.80
C ASN A 235 15.06 -9.02 -20.90
N PRO A 236 14.97 -7.70 -20.77
CA PRO A 236 13.94 -7.09 -19.93
C PRO A 236 12.54 -7.45 -20.44
N VAL A 237 11.61 -7.64 -19.51
CA VAL A 237 10.23 -7.96 -19.86
C VAL A 237 9.39 -6.78 -19.39
N PHE A 238 8.75 -6.11 -20.34
CA PHE A 238 7.93 -4.95 -20.03
C PHE A 238 6.45 -5.26 -20.16
N GLY A 239 5.67 -4.83 -19.17
CA GLY A 239 4.24 -5.04 -19.20
C GLY A 239 3.56 -3.77 -19.67
N VAL A 240 2.56 -3.91 -20.53
CA VAL A 240 1.83 -2.77 -21.06
C VAL A 240 0.36 -2.91 -20.71
N PRO A 241 -0.17 -1.98 -19.90
CA PRO A 241 -1.57 -1.99 -19.47
C PRO A 241 -2.51 -1.40 -20.51
N LEU A 242 -2.70 -2.15 -21.60
CA LEU A 242 -3.55 -1.69 -22.69
C LEU A 242 -4.96 -1.31 -22.29
N ASP A 243 -5.60 -2.09 -21.41
CA ASP A 243 -6.96 -1.77 -21.00
C ASP A 243 -7.00 -0.42 -20.28
N PHE A 244 -6.01 -0.15 -19.44
CA PHE A 244 -5.93 1.13 -18.73
C PHE A 244 -5.73 2.28 -19.71
N LEU A 245 -4.93 2.05 -20.75
CA LEU A 245 -4.64 3.09 -21.74
C LEU A 245 -5.70 3.29 -22.82
N GLU A 246 -6.58 2.31 -22.95
CA GLU A 246 -7.65 2.36 -23.93
C GLU A 246 -8.39 3.71 -23.94
N GLY A 247 -8.28 4.43 -25.06
CA GLY A 247 -8.96 5.71 -25.21
C GLY A 247 -8.38 6.87 -24.43
N ARG A 248 -7.27 6.68 -23.73
CA ARG A 248 -6.69 7.77 -22.95
C ARG A 248 -5.45 8.43 -23.56
N LEU A 249 -5.10 8.03 -24.78
CA LEU A 249 -3.94 8.61 -25.45
C LEU A 249 -4.41 9.39 -26.68
N GLY A 250 -3.61 10.37 -27.10
CA GLY A 250 -3.93 11.11 -28.30
C GLY A 250 -3.44 10.24 -29.44
N VAL A 251 -4.06 10.34 -30.61
CA VAL A 251 -3.67 9.54 -31.77
C VAL A 251 -2.16 9.49 -32.08
N GLU A 252 -1.50 10.63 -32.02
CA GLU A 252 -0.06 10.69 -32.33
C GLU A 252 0.84 10.02 -31.28
N VAL A 253 0.50 10.17 -30.00
CA VAL A 253 1.29 9.56 -28.94
C VAL A 253 1.04 8.06 -29.00
N ARG A 254 -0.19 7.69 -29.36
CA ARG A 254 -0.54 6.27 -29.48
C ARG A 254 0.38 5.66 -30.52
N LYS A 255 0.57 6.36 -31.63
CA LYS A 255 1.43 5.86 -32.71
C LYS A 255 2.89 5.77 -32.27
N ALA A 256 3.37 6.77 -31.55
CA ALA A 256 4.76 6.75 -31.09
C ALA A 256 4.96 5.59 -30.11
N PHE A 257 4.02 5.41 -29.20
CA PHE A 257 4.12 4.34 -28.22
C PHE A 257 4.10 2.97 -28.90
N THR A 258 3.21 2.81 -29.87
CA THR A 258 3.10 1.56 -30.61
C THR A 258 4.41 1.24 -31.33
N ARG A 259 5.03 2.26 -31.89
CA ARG A 259 6.31 2.10 -32.59
C ARG A 259 7.35 1.52 -31.64
N LEU A 260 7.40 2.08 -30.43
CA LEU A 260 8.35 1.61 -29.43
C LEU A 260 8.06 0.14 -29.12
N LEU A 261 6.79 -0.20 -28.94
CA LEU A 261 6.44 -1.58 -28.64
C LEU A 261 6.87 -2.49 -29.78
N GLU A 262 6.76 -2.00 -31.01
CA GLU A 262 7.14 -2.76 -32.19
C GLU A 262 8.64 -2.98 -32.29
N ASP A 263 9.43 -2.02 -31.80
CA ASP A 263 10.88 -2.12 -31.86
C ASP A 263 11.54 -2.89 -30.71
N LEU A 264 10.92 -2.91 -29.54
CA LEU A 264 11.50 -3.58 -28.38
C LEU A 264 11.97 -5.02 -28.61
N PRO A 265 11.19 -5.82 -29.37
CA PRO A 265 11.62 -7.20 -29.63
C PRO A 265 12.96 -7.24 -30.36
N ALA A 266 13.14 -6.37 -31.34
CA ALA A 266 14.41 -6.32 -32.07
C ALA A 266 15.54 -5.85 -31.16
N LEU A 267 15.18 -5.15 -30.09
CA LEU A 267 16.17 -4.65 -29.14
C LEU A 267 16.46 -5.70 -28.06
N ARG A 268 15.97 -6.92 -28.28
CA ARG A 268 16.19 -8.02 -27.36
C ARG A 268 15.46 -7.82 -26.03
N ALA A 269 14.21 -7.36 -26.11
CA ALA A 269 13.37 -7.16 -24.95
C ALA A 269 12.04 -7.85 -25.26
N GLU A 270 11.22 -8.06 -24.25
CA GLU A 270 9.92 -8.69 -24.47
C GLU A 270 8.80 -7.74 -24.01
N VAL A 271 7.67 -7.80 -24.72
CA VAL A 271 6.53 -6.96 -24.39
C VAL A 271 5.31 -7.82 -24.11
N ARG A 272 4.74 -7.69 -22.92
CA ARG A 272 3.56 -8.47 -22.56
C ARG A 272 2.43 -7.54 -22.13
N GLU A 273 1.22 -7.83 -22.62
CA GLU A 273 0.07 -7.04 -22.24
C GLU A 273 -0.28 -7.45 -20.81
N VAL A 274 -0.68 -6.49 -19.99
CA VAL A 274 -1.08 -6.75 -18.62
C VAL A 274 -2.39 -6.01 -18.38
N SER A 275 -3.15 -6.42 -17.38
CA SER A 275 -4.41 -5.77 -17.06
C SER A 275 -4.27 -4.88 -15.83
N LEU A 276 -4.71 -3.64 -15.95
CA LEU A 276 -4.67 -2.66 -14.88
C LEU A 276 -5.88 -1.74 -14.93
N PRO A 277 -7.08 -2.28 -14.69
CA PRO A 277 -8.35 -1.55 -14.73
C PRO A 277 -8.33 -0.23 -13.98
N LEU A 278 -8.09 -0.32 -12.67
CA LEU A 278 -8.04 0.87 -11.82
C LEU A 278 -9.27 1.75 -12.04
N GLU A 279 -10.44 1.12 -12.13
CA GLU A 279 -11.65 1.89 -12.33
C GLU A 279 -11.91 2.84 -11.17
N GLY A 280 -12.23 4.08 -11.51
CA GLY A 280 -12.51 5.10 -10.51
C GLY A 280 -11.29 5.68 -9.82
N VAL A 281 -10.09 5.32 -10.28
CA VAL A 281 -8.88 5.80 -9.66
C VAL A 281 -8.73 7.31 -9.70
N TYR A 282 -9.21 7.93 -10.77
CA TYR A 282 -9.15 9.38 -10.90
C TYR A 282 -9.88 10.06 -9.73
N GLU A 283 -11.14 9.65 -9.49
CA GLU A 283 -11.96 10.20 -8.42
C GLU A 283 -11.35 9.93 -7.03
N VAL A 284 -10.88 8.71 -6.82
CA VAL A 284 -10.28 8.33 -5.54
C VAL A 284 -9.11 9.26 -5.22
N TYR A 285 -8.20 9.40 -6.18
CA TYR A 285 -7.02 10.26 -6.03
C TYR A 285 -7.44 11.69 -5.72
N THR A 286 -8.33 12.22 -6.55
CA THR A 286 -8.80 13.58 -6.39
C THR A 286 -9.36 13.88 -5.00
N ARG A 287 -10.29 13.05 -4.54
CA ARG A 287 -10.87 13.27 -3.22
C ARG A 287 -9.86 13.15 -2.10
N LEU A 288 -9.03 12.12 -2.16
CA LEU A 288 -8.03 11.90 -1.13
C LEU A 288 -7.06 13.07 -1.01
N VAL A 289 -6.50 13.51 -2.14
CA VAL A 289 -5.55 14.61 -2.16
C VAL A 289 -6.18 15.96 -1.80
N ARG A 290 -7.32 16.28 -2.40
CA ARG A 290 -7.97 17.56 -2.10
C ARG A 290 -8.35 17.65 -0.62
N TYR A 291 -8.79 16.53 -0.04
CA TYR A 291 -9.16 16.53 1.36
C TYR A 291 -7.95 16.87 2.22
N GLU A 292 -6.84 16.19 2.00
CA GLU A 292 -5.63 16.44 2.78
C GLU A 292 -5.07 17.84 2.52
N ALA A 293 -5.07 18.25 1.26
CA ALA A 293 -4.55 19.57 0.89
C ALA A 293 -5.35 20.70 1.52
N ALA A 294 -6.67 20.54 1.53
CA ALA A 294 -7.53 21.57 2.11
C ALA A 294 -7.27 21.74 3.61
N ARG A 295 -6.98 20.64 4.30
CA ARG A 295 -6.73 20.73 5.73
C ARG A 295 -5.39 21.39 6.02
N ILE A 296 -4.47 21.35 5.07
CA ILE A 296 -3.18 22.00 5.25
C ILE A 296 -3.34 23.51 5.18
N HIS A 297 -4.13 23.96 4.22
CA HIS A 297 -4.35 25.39 3.99
C HIS A 297 -5.68 25.89 4.51
N GLU A 298 -6.29 25.14 5.43
CA GLU A 298 -7.57 25.50 5.98
C GLU A 298 -7.63 26.88 6.62
N LYS A 299 -6.64 27.21 7.44
CA LYS A 299 -6.59 28.50 8.10
C LYS A 299 -6.49 29.63 7.08
N ALA A 300 -5.52 29.53 6.18
CA ALA A 300 -5.33 30.57 5.17
C ALA A 300 -6.55 30.73 4.27
N LEU A 301 -7.21 29.61 3.95
CA LEU A 301 -8.38 29.64 3.09
C LEU A 301 -9.55 30.39 3.75
N LYS A 302 -9.57 30.38 5.08
CA LYS A 302 -10.62 31.07 5.82
C LYS A 302 -10.23 32.53 6.03
N GLU A 303 -8.98 32.76 6.42
CA GLU A 303 -8.50 34.10 6.69
C GLU A 303 -8.15 34.94 5.46
N HIS A 304 -7.45 34.35 4.51
CA HIS A 304 -7.05 35.06 3.29
C HIS A 304 -7.30 34.23 2.05
N PRO A 305 -8.57 33.99 1.70
CA PRO A 305 -8.90 33.20 0.51
C PRO A 305 -8.48 33.88 -0.79
N GLU A 306 -8.38 35.21 -0.75
CA GLU A 306 -8.00 35.97 -1.93
C GLU A 306 -6.53 35.79 -2.28
N GLY A 307 -5.79 35.14 -1.39
CA GLY A 307 -4.38 34.90 -1.63
C GLY A 307 -4.18 33.74 -2.57
N PHE A 308 -5.25 32.97 -2.80
CA PHE A 308 -5.21 31.81 -3.69
C PHE A 308 -5.89 32.18 -5.01
N SER A 309 -5.39 31.62 -6.11
CA SER A 309 -5.99 31.89 -7.42
C SER A 309 -7.34 31.19 -7.47
N PRO A 310 -8.23 31.61 -8.39
CA PRO A 310 -9.56 30.98 -8.50
C PRO A 310 -9.49 29.45 -8.64
N GLN A 311 -8.68 28.97 -9.58
CA GLN A 311 -8.52 27.53 -9.83
C GLN A 311 -8.14 26.79 -8.55
N VAL A 312 -7.07 27.25 -7.91
CA VAL A 312 -6.61 26.61 -6.67
C VAL A 312 -7.66 26.72 -5.57
N ARG A 313 -8.26 27.90 -5.44
CA ARG A 313 -9.27 28.12 -4.41
C ARG A 313 -10.45 27.15 -4.60
N GLU A 314 -10.87 26.95 -5.84
CA GLU A 314 -11.98 26.04 -6.11
C GLU A 314 -11.62 24.61 -5.68
N ALA A 315 -10.41 24.18 -5.99
CA ALA A 315 -9.97 22.83 -5.64
C ALA A 315 -9.90 22.68 -4.12
N LEU A 316 -9.35 23.70 -3.45
CA LEU A 316 -9.26 23.66 -2.00
C LEU A 316 -10.66 23.62 -1.38
N LEU A 317 -11.58 24.41 -1.92
CA LEU A 317 -12.95 24.43 -1.40
C LEU A 317 -13.62 23.08 -1.59
N ALA A 318 -13.32 22.44 -2.72
CA ALA A 318 -13.87 21.12 -2.98
C ALA A 318 -13.33 20.18 -1.91
N GLY A 319 -12.10 20.44 -1.49
CA GLY A 319 -11.48 19.62 -0.45
C GLY A 319 -12.13 19.80 0.91
N LEU A 320 -12.61 21.02 1.18
CA LEU A 320 -13.28 21.32 2.44
C LEU A 320 -14.72 20.83 2.42
N ALA A 321 -15.26 20.65 1.22
CA ALA A 321 -16.63 20.18 1.04
C ALA A 321 -16.70 18.67 1.27
N LEU A 322 -15.54 18.01 1.14
CA LEU A 322 -15.46 16.57 1.38
C LEU A 322 -15.32 16.41 2.90
N THR A 323 -16.07 15.46 3.46
CA THR A 323 -16.02 15.22 4.90
C THR A 323 -15.04 14.11 5.25
N GLU A 324 -14.86 13.87 6.54
CA GLU A 324 -13.95 12.82 6.98
C GLU A 324 -14.46 11.46 6.52
N LYS A 325 -15.77 11.36 6.27
CA LYS A 325 -16.35 10.11 5.78
C LYS A 325 -15.87 9.89 4.34
N ASP A 326 -15.88 10.95 3.53
CA ASP A 326 -15.41 10.84 2.15
C ASP A 326 -13.95 10.43 2.15
N TYR A 327 -13.19 10.97 3.10
CA TYR A 327 -11.78 10.66 3.21
C TYR A 327 -11.58 9.19 3.59
N ARG A 328 -12.35 8.69 4.56
CA ARG A 328 -12.25 7.28 4.95
C ARG A 328 -12.52 6.37 3.75
N ASP A 329 -13.52 6.74 2.93
CA ASP A 329 -13.86 5.96 1.75
C ASP A 329 -12.72 6.00 0.74
N ALA A 330 -12.15 7.19 0.55
CA ALA A 330 -11.04 7.36 -0.38
C ALA A 330 -9.86 6.50 0.08
N VAL A 331 -9.60 6.52 1.39
CA VAL A 331 -8.51 5.74 1.97
C VAL A 331 -8.72 4.23 1.74
N ALA A 332 -9.95 3.78 1.88
CA ALA A 332 -10.28 2.37 1.67
C ALA A 332 -10.22 2.02 0.19
N GLU A 333 -10.70 2.93 -0.65
CA GLU A 333 -10.68 2.68 -2.09
C GLU A 333 -9.25 2.60 -2.61
N ARG A 334 -8.34 3.35 -2.00
CA ARG A 334 -6.94 3.30 -2.42
C ARG A 334 -6.37 1.92 -2.12
N GLU A 335 -6.64 1.42 -0.92
CA GLU A 335 -6.12 0.11 -0.56
C GLU A 335 -6.68 -0.96 -1.48
N ALA A 336 -7.95 -0.80 -1.88
CA ALA A 336 -8.58 -1.77 -2.77
C ALA A 336 -7.89 -1.86 -4.13
N LEU A 337 -7.21 -0.79 -4.54
CA LEU A 337 -6.53 -0.77 -5.83
C LEU A 337 -5.12 -1.33 -5.80
N ARG A 338 -4.55 -1.38 -4.60
CA ARG A 338 -3.18 -1.85 -4.42
C ARG A 338 -2.92 -3.24 -4.99
N LEU A 339 -3.82 -4.19 -4.74
CA LEU A 339 -3.62 -5.55 -5.25
C LEU A 339 -3.58 -5.59 -6.78
N GLU A 340 -4.37 -4.73 -7.43
CA GLU A 340 -4.42 -4.66 -8.89
C GLU A 340 -3.07 -4.30 -9.50
N LEU A 341 -2.40 -3.33 -8.89
CA LEU A 341 -1.09 -2.91 -9.39
C LEU A 341 -0.06 -4.02 -9.15
N VAL A 342 -0.13 -4.65 -7.98
CA VAL A 342 0.79 -5.74 -7.64
C VAL A 342 0.67 -6.87 -8.66
N LYS A 343 -0.57 -7.20 -9.03
CA LYS A 343 -0.83 -8.26 -9.99
C LYS A 343 -0.32 -7.90 -11.39
N ALA A 344 -0.47 -6.63 -11.77
CA ALA A 344 -0.01 -6.22 -13.09
C ALA A 344 1.51 -6.30 -13.21
N LEU A 345 2.21 -6.06 -12.10
CA LEU A 345 3.67 -6.08 -12.08
C LEU A 345 4.26 -7.49 -11.96
N ARG A 346 3.46 -8.43 -11.47
CA ARG A 346 3.94 -9.81 -11.30
C ARG A 346 4.35 -10.42 -12.64
N GLY A 347 5.57 -10.95 -12.71
CA GLY A 347 6.01 -11.58 -13.94
C GLY A 347 6.68 -10.67 -14.95
N VAL A 348 6.68 -9.35 -14.72
CA VAL A 348 7.33 -8.42 -15.63
C VAL A 348 8.34 -7.59 -14.84
N ASP A 349 9.32 -7.01 -15.54
CA ASP A 349 10.32 -6.20 -14.84
C ASP A 349 9.80 -4.81 -14.52
N ALA A 350 8.90 -4.31 -15.37
CA ALA A 350 8.31 -3.00 -15.17
C ALA A 350 7.18 -2.79 -16.14
N LEU A 351 6.38 -1.77 -15.88
CA LEU A 351 5.29 -1.42 -16.77
C LEU A 351 5.80 -0.24 -17.58
N LEU A 352 5.32 -0.14 -18.81
CA LEU A 352 5.66 0.95 -19.71
C LEU A 352 4.35 1.58 -20.19
N LEU A 353 4.32 2.91 -20.25
CA LEU A 353 3.16 3.66 -20.74
C LEU A 353 3.58 5.12 -20.85
N PRO A 354 3.01 5.86 -21.81
CA PRO A 354 3.37 7.26 -21.95
C PRO A 354 3.10 8.02 -20.65
N VAL A 355 3.81 9.12 -20.46
CA VAL A 355 3.62 9.93 -19.26
C VAL A 355 2.59 11.01 -19.54
N GLN A 356 2.26 11.18 -20.83
CA GLN A 356 1.30 12.18 -21.28
C GLN A 356 0.58 11.65 -22.54
N PRO A 357 -0.67 12.08 -22.75
CA PRO A 357 -1.44 11.62 -23.93
C PRO A 357 -1.17 12.46 -25.17
N LEU A 358 -0.59 13.63 -24.95
CA LEU A 358 -0.31 14.58 -26.03
C LEU A 358 0.88 15.45 -25.68
N PRO A 359 1.48 16.13 -26.68
CA PRO A 359 2.61 16.99 -26.37
C PRO A 359 2.04 18.18 -25.59
N ALA A 360 2.91 18.93 -24.92
CA ALA A 360 2.46 20.09 -24.15
C ALA A 360 1.57 20.98 -25.01
N PRO A 361 0.36 21.29 -24.54
CA PRO A 361 -0.57 22.13 -25.30
C PRO A 361 -0.39 23.64 -25.08
N PRO A 362 -1.00 24.47 -25.92
CA PRO A 362 -0.90 25.92 -25.79
C PRO A 362 -1.40 26.38 -24.41
N LEU A 363 -0.84 27.48 -23.92
CA LEU A 363 -1.28 28.02 -22.64
C LEU A 363 -2.78 28.30 -22.78
N GLY A 364 -3.54 28.06 -21.72
CA GLY A 364 -4.97 28.31 -21.75
C GLY A 364 -5.86 27.20 -22.31
N THR A 365 -5.26 26.09 -22.71
CA THR A 365 -6.03 24.98 -23.27
C THR A 365 -6.77 24.22 -22.17
N GLU A 366 -8.09 24.33 -22.16
CA GLU A 366 -8.89 23.69 -21.14
C GLU A 366 -9.45 22.32 -21.55
N GLU A 367 -9.54 22.08 -22.85
CA GLU A 367 -10.03 20.80 -23.35
C GLU A 367 -9.10 20.32 -24.43
N VAL A 368 -8.93 19.01 -24.52
CA VAL A 368 -8.05 18.43 -25.52
C VAL A 368 -8.72 17.32 -26.29
N GLU A 369 -8.07 16.90 -27.38
CA GLU A 369 -8.58 15.84 -28.22
C GLU A 369 -7.83 14.53 -28.02
N LEU A 370 -8.52 13.54 -27.46
CA LEU A 370 -7.92 12.23 -27.25
C LEU A 370 -8.47 11.32 -28.35
N GLU A 371 -7.92 10.12 -28.46
CA GLU A 371 -8.38 9.17 -29.48
C GLU A 371 -9.85 8.81 -29.29
N SER A 372 -10.36 9.04 -28.08
CA SER A 372 -11.76 8.72 -27.76
C SER A 372 -12.68 9.94 -27.72
N GLY A 373 -12.16 11.11 -28.07
CA GLY A 373 -12.97 12.31 -28.05
C GLY A 373 -12.43 13.40 -27.15
N ARG A 374 -13.15 14.50 -27.03
CA ARG A 374 -12.72 15.61 -26.18
C ARG A 374 -12.66 15.20 -24.72
N LYS A 375 -11.78 15.83 -23.96
CA LYS A 375 -11.65 15.52 -22.55
C LYS A 375 -11.05 16.72 -21.82
N GLY A 376 -11.49 16.94 -20.59
CA GLY A 376 -10.95 18.05 -19.83
C GLY A 376 -9.45 17.86 -19.69
N HIS A 377 -8.71 18.96 -19.67
CA HIS A 377 -7.26 18.96 -19.56
C HIS A 377 -6.73 18.18 -18.35
N ARG A 378 -7.25 18.49 -17.17
CA ARG A 378 -6.79 17.82 -15.96
C ARG A 378 -6.90 16.31 -16.02
N GLU A 379 -8.09 15.81 -16.31
CA GLU A 379 -8.29 14.36 -16.37
C GLU A 379 -7.45 13.70 -17.46
N ALA A 380 -7.27 14.39 -18.59
CA ALA A 380 -6.47 13.82 -19.67
C ALA A 380 -4.99 13.72 -19.30
N PHE A 381 -4.47 14.74 -18.63
CA PHE A 381 -3.05 14.81 -18.25
C PHE A 381 -2.62 14.36 -16.87
N ILE A 382 -3.53 14.01 -15.99
CA ILE A 382 -3.18 13.49 -14.68
C ILE A 382 -3.51 12.01 -14.52
N THR A 383 -4.50 11.52 -15.28
CA THR A 383 -4.91 10.12 -15.20
C THR A 383 -3.80 9.10 -15.45
N LEU A 384 -2.86 9.38 -16.39
CA LEU A 384 -1.77 8.48 -16.72
C LEU A 384 -0.70 8.35 -15.62
N THR A 385 -0.51 9.41 -14.86
CA THR A 385 0.49 9.41 -13.81
C THR A 385 0.04 9.17 -12.38
N LEU A 386 -1.13 9.68 -12.02
CA LEU A 386 -1.60 9.57 -10.65
C LEU A 386 -1.66 8.19 -9.97
N PRO A 387 -1.90 7.11 -10.72
CA PRO A 387 -1.96 5.79 -10.05
C PRO A 387 -0.68 5.39 -9.32
N PHE A 388 0.46 5.68 -9.93
CA PHE A 388 1.75 5.29 -9.38
C PHE A 388 2.22 6.12 -8.18
N SER A 389 1.79 7.38 -8.12
CA SER A 389 2.15 8.22 -7.00
C SER A 389 1.12 7.90 -5.89
N LEU A 390 -0.13 7.70 -6.29
CA LEU A 390 -1.18 7.35 -5.35
C LEU A 390 -0.78 6.12 -4.55
N LEU A 391 -0.21 5.13 -5.23
CA LEU A 391 0.19 3.87 -4.60
C LEU A 391 1.66 3.81 -4.14
N GLY A 392 2.40 4.88 -4.38
CA GLY A 392 3.79 4.97 -3.93
C GLY A 392 4.91 4.19 -4.59
N VAL A 393 4.69 3.64 -5.78
CA VAL A 393 5.73 2.86 -6.44
C VAL A 393 6.70 3.71 -7.26
N PRO A 394 7.97 3.29 -7.34
CA PRO A 394 8.99 4.04 -8.09
C PRO A 394 8.64 4.15 -9.57
N THR A 395 8.64 5.38 -10.07
CA THR A 395 8.29 5.63 -11.46
C THR A 395 9.21 6.65 -12.12
N LEU A 396 9.80 6.26 -13.24
CA LEU A 396 10.71 7.14 -13.97
C LEU A 396 10.03 7.71 -15.21
N ALA A 397 10.33 8.97 -15.52
CA ALA A 397 9.81 9.59 -16.74
C ALA A 397 11.05 10.00 -17.54
N LEU A 398 11.13 9.56 -18.79
CA LEU A 398 12.25 9.92 -19.66
C LEU A 398 11.73 10.13 -21.09
N PRO A 399 12.38 11.01 -21.86
CA PRO A 399 11.98 11.29 -23.24
C PRO A 399 12.04 10.07 -24.14
N PHE A 400 11.03 9.91 -24.99
CA PHE A 400 11.03 8.77 -25.89
C PHE A 400 10.51 9.11 -27.28
N ALA A 401 9.85 10.25 -27.42
CA ALA A 401 9.31 10.64 -28.72
C ALA A 401 9.09 12.15 -28.86
N LYS A 402 8.69 12.55 -30.06
CA LYS A 402 8.44 13.95 -30.40
C LYS A 402 7.13 14.04 -31.20
N VAL A 403 6.29 15.00 -30.84
CA VAL A 403 5.01 15.22 -31.53
C VAL A 403 4.86 16.73 -31.64
N GLU A 404 4.61 17.21 -32.86
CA GLU A 404 4.47 18.65 -33.10
C GLU A 404 5.78 19.37 -32.79
N GLY A 405 6.87 18.51 -32.88
CA GLY A 405 8.20 19.01 -32.55
C GLY A 405 8.40 19.18 -31.06
N PRO A 407 8.45 17.48 -26.99
CA PRO A 407 8.87 16.29 -26.26
C PRO A 407 7.68 15.51 -25.72
N VAL A 408 7.82 14.18 -25.72
CA VAL A 408 6.78 13.30 -25.19
C VAL A 408 7.53 12.29 -24.32
N GLY A 409 7.14 12.19 -23.05
CA GLY A 409 7.83 11.27 -22.16
C GLY A 409 7.25 9.89 -21.99
N LEU A 410 8.08 8.98 -21.47
CA LEU A 410 7.69 7.59 -21.23
C LEU A 410 7.82 7.27 -19.75
N GLN A 411 6.87 6.51 -19.23
CA GLN A 411 6.90 6.11 -17.83
C GLN A 411 7.38 4.67 -17.71
N VAL A 412 8.28 4.44 -16.74
CA VAL A 412 8.80 3.13 -16.45
C VAL A 412 8.38 2.92 -14.99
N VAL A 413 7.45 2.00 -14.76
CA VAL A 413 6.90 1.73 -13.43
C VAL A 413 7.39 0.42 -12.82
N GLY A 414 7.94 0.49 -11.60
CA GLY A 414 8.44 -0.72 -10.95
C GLY A 414 7.68 -1.05 -9.67
N ALA A 415 8.01 -2.18 -9.06
CA ALA A 415 7.38 -2.60 -7.82
C ALA A 415 7.86 -1.71 -6.69
N TYR A 416 7.08 -1.66 -5.61
CA TYR A 416 7.41 -0.86 -4.44
C TYR A 416 8.82 -1.20 -3.96
N GLY A 417 9.63 -0.17 -3.74
CA GLY A 417 11.00 -0.39 -3.27
C GLY A 417 12.00 -0.78 -4.33
N GLU A 418 11.58 -0.99 -5.57
CA GLU A 418 12.52 -1.37 -6.61
C GLU A 418 13.04 -0.23 -7.45
N ASP A 419 13.43 0.86 -6.77
CA ASP A 419 13.96 2.05 -7.41
C ASP A 419 15.18 1.75 -8.27
N GLY A 420 16.06 0.89 -7.76
CA GLY A 420 17.26 0.54 -8.51
C GLY A 420 16.95 -0.16 -9.81
N LYS A 421 15.98 -1.05 -9.79
CA LYS A 421 15.59 -1.79 -10.98
C LYS A 421 14.98 -0.84 -12.01
N VAL A 422 14.16 0.10 -11.54
CA VAL A 422 13.54 1.06 -12.43
C VAL A 422 14.61 1.92 -13.10
N LEU A 423 15.55 2.41 -12.31
CA LEU A 423 16.62 3.26 -12.83
C LEU A 423 17.50 2.48 -13.81
N ALA A 424 17.74 1.21 -13.53
CA ALA A 424 18.57 0.39 -14.42
C ALA A 424 17.83 0.20 -15.75
N LEU A 425 16.54 -0.12 -15.69
CA LEU A 425 15.77 -0.29 -16.91
C LEU A 425 15.67 1.03 -17.67
N GLY A 426 15.64 2.14 -16.92
CA GLY A 426 15.58 3.44 -17.56
C GLY A 426 16.84 3.71 -18.35
N GLY A 427 17.99 3.33 -17.78
CA GLY A 427 19.25 3.53 -18.46
C GLY A 427 19.33 2.69 -19.72
N TRP A 428 18.82 1.48 -19.62
CA TRP A 428 18.82 0.55 -20.75
C TRP A 428 17.99 1.14 -21.88
N LEU A 429 16.81 1.67 -21.55
CA LEU A 429 15.92 2.27 -22.54
C LEU A 429 16.51 3.55 -23.12
N GLU A 430 17.03 4.41 -22.25
CA GLU A 430 17.63 5.69 -22.66
C GLU A 430 18.70 5.50 -23.72
N ALA A 431 19.53 4.46 -23.56
CA ALA A 431 20.60 4.18 -24.50
C ALA A 431 20.06 3.65 -25.82
N ARG A 432 18.77 3.30 -25.85
CA ARG A 432 18.14 2.75 -27.06
C ARG A 432 16.96 3.58 -27.60
N LEU A 433 16.78 4.78 -27.07
CA LEU A 433 15.70 5.68 -27.51
C LEU A 433 16.29 6.89 -28.21
N GLY A 434 15.51 7.97 -28.24
CA GLY A 434 15.96 9.21 -28.87
C GLY A 434 15.82 10.41 -27.95
N MET B 1 -11.47 -35.35 9.45
CA MET B 1 -11.16 -35.19 7.99
C MET B 1 -11.29 -33.72 7.62
N ASP B 2 -10.76 -33.36 6.45
CA ASP B 2 -10.85 -31.98 5.99
C ASP B 2 -11.73 -31.84 4.75
N LEU B 3 -11.80 -30.63 4.20
CA LEU B 3 -12.62 -30.36 3.03
C LEU B 3 -12.33 -31.21 1.81
N LEU B 4 -11.08 -31.20 1.36
CA LEU B 4 -10.71 -31.97 0.18
C LEU B 4 -10.89 -33.47 0.40
N GLU B 5 -10.71 -33.91 1.63
CA GLU B 5 -10.87 -35.32 1.98
C GLU B 5 -12.34 -35.70 1.87
N ALA B 6 -13.20 -34.87 2.44
CA ALA B 6 -14.65 -35.11 2.42
C ALA B 6 -15.17 -34.99 1.00
N LYS B 7 -14.56 -34.10 0.22
CA LYS B 7 -14.96 -33.90 -1.16
C LYS B 7 -14.72 -35.18 -1.96
N ARG B 8 -13.58 -35.82 -1.71
CA ARG B 8 -13.24 -37.05 -2.40
C ARG B 8 -14.18 -38.17 -1.99
N LEU B 9 -14.56 -38.20 -0.72
CA LEU B 9 -15.47 -39.23 -0.23
C LEU B 9 -16.84 -39.07 -0.91
N LEU B 10 -17.24 -37.83 -1.16
CA LEU B 10 -18.52 -37.57 -1.81
C LEU B 10 -18.46 -38.01 -3.27
N GLU B 11 -17.32 -37.77 -3.91
CA GLU B 11 -17.12 -38.14 -5.31
C GLU B 11 -17.08 -39.65 -5.53
N THR B 12 -16.63 -40.39 -4.51
CA THR B 12 -16.54 -41.83 -4.62
C THR B 12 -17.77 -42.51 -4.02
N GLY B 13 -18.68 -41.71 -3.48
CA GLY B 13 -19.89 -42.25 -2.90
C GLY B 13 -19.72 -42.92 -1.55
N ARG B 14 -18.65 -42.58 -0.83
CA ARG B 14 -18.41 -43.19 0.47
C ARG B 14 -19.12 -42.40 1.56
N THR B 15 -19.69 -41.26 1.19
CA THR B 15 -20.44 -40.43 2.13
C THR B 15 -21.40 -39.53 1.37
N THR B 16 -22.27 -38.81 2.10
CA THR B 16 -23.23 -37.93 1.47
C THR B 16 -23.35 -36.60 2.22
N PRO B 17 -23.87 -35.56 1.54
CA PRO B 17 -24.02 -34.25 2.16
C PRO B 17 -24.79 -34.36 3.48
N LEU B 18 -25.83 -35.18 3.47
CA LEU B 18 -26.64 -35.38 4.67
C LEU B 18 -25.81 -35.98 5.80
N ALA B 19 -25.02 -36.99 5.46
CA ALA B 19 -24.17 -37.67 6.44
C ALA B 19 -23.15 -36.71 7.03
N LEU B 20 -22.55 -35.88 6.17
CA LEU B 20 -21.56 -34.91 6.63
C LEU B 20 -22.21 -33.92 7.59
N LEU B 21 -23.45 -33.52 7.30
CA LEU B 21 -24.15 -32.58 8.17
C LEU B 21 -24.47 -33.19 9.52
N GLU B 22 -24.91 -34.45 9.51
CA GLU B 22 -25.24 -35.15 10.75
C GLU B 22 -24.03 -35.22 11.67
N GLU B 23 -22.85 -35.48 11.10
CA GLU B 23 -21.65 -35.56 11.92
C GLU B 23 -21.34 -34.19 12.52
N ALA B 24 -21.54 -33.15 11.72
CA ALA B 24 -21.30 -31.79 12.18
C ALA B 24 -22.27 -31.44 13.31
N LEU B 25 -23.54 -31.77 13.12
CA LEU B 25 -24.57 -31.50 14.11
C LEU B 25 -24.33 -32.29 15.40
N GLU B 26 -23.78 -33.49 15.25
CA GLU B 26 -23.48 -34.34 16.39
C GLU B 26 -22.39 -33.70 17.22
N ARG B 27 -21.37 -33.18 16.55
CA ARG B 27 -20.25 -32.53 17.23
C ARG B 27 -20.73 -31.25 17.90
N ALA B 28 -21.62 -30.52 17.22
CA ALA B 28 -22.14 -29.26 17.75
C ALA B 28 -22.87 -29.51 19.07
N LYS B 29 -23.60 -30.62 19.14
CA LYS B 29 -24.34 -30.91 20.34
C LYS B 29 -23.40 -31.39 21.46
N ALA B 30 -22.42 -32.21 21.11
CA ALA B 30 -21.48 -32.72 22.10
C ALA B 30 -20.56 -31.64 22.67
N PHE B 31 -20.33 -30.57 21.90
CA PHE B 31 -19.46 -29.48 22.35
C PHE B 31 -20.20 -28.16 22.60
N GLN B 32 -21.45 -28.26 23.06
CA GLN B 32 -22.22 -27.05 23.35
C GLN B 32 -21.57 -26.22 24.45
N ASP B 33 -20.83 -26.87 25.35
CA ASP B 33 -20.17 -26.11 26.42
C ASP B 33 -19.14 -25.13 25.86
N ARG B 34 -18.73 -25.33 24.60
CA ARG B 34 -17.75 -24.43 23.97
C ARG B 34 -18.41 -23.13 23.51
N ASN B 35 -19.72 -23.17 23.29
CA ASN B 35 -20.48 -21.99 22.88
C ASN B 35 -19.92 -21.35 21.59
N ALA B 36 -19.59 -22.18 20.61
CA ALA B 36 -19.04 -21.69 19.35
C ALA B 36 -20.09 -21.18 18.36
N LEU B 37 -21.33 -21.62 18.49
CA LEU B 37 -22.36 -21.21 17.54
C LEU B 37 -23.32 -20.12 18.01
N ALA B 38 -23.49 -19.10 17.17
CA ALA B 38 -24.38 -17.98 17.46
C ALA B 38 -25.79 -18.31 16.97
N TYR B 39 -25.88 -19.03 15.87
CA TYR B 39 -27.18 -19.40 15.30
C TYR B 39 -27.12 -20.73 14.56
N LEU B 40 -28.09 -21.61 14.84
CA LEU B 40 -28.14 -22.92 14.21
C LEU B 40 -29.56 -23.42 14.02
N ASP B 41 -29.98 -23.57 12.76
CA ASP B 41 -31.31 -24.09 12.48
C ASP B 41 -31.11 -25.47 11.87
N GLU B 42 -31.14 -26.50 12.70
CA GLU B 42 -30.95 -27.88 12.22
C GLU B 42 -31.98 -28.28 11.18
N GLU B 43 -33.22 -27.82 11.35
CA GLU B 43 -34.29 -28.15 10.43
C GLU B 43 -34.00 -27.63 9.02
N ALA B 44 -33.76 -26.33 8.91
CA ALA B 44 -33.46 -25.75 7.61
C ALA B 44 -32.22 -26.40 7.01
N ALA B 45 -31.21 -26.65 7.84
CA ALA B 45 -29.98 -27.27 7.37
C ALA B 45 -30.25 -28.64 6.75
N ARG B 46 -30.95 -29.50 7.50
CA ARG B 46 -31.27 -30.84 7.02
C ARG B 46 -32.03 -30.79 5.70
N LYS B 47 -32.97 -29.88 5.60
CA LYS B 47 -33.76 -29.73 4.38
C LYS B 47 -32.83 -29.46 3.19
N GLU B 48 -31.88 -28.54 3.38
CA GLU B 48 -30.93 -28.18 2.33
C GLU B 48 -29.98 -29.35 2.04
N ALA B 49 -29.58 -30.07 3.08
CA ALA B 49 -28.69 -31.20 2.93
C ALA B 49 -29.36 -32.30 2.11
N LEU B 50 -30.68 -32.44 2.27
CA LEU B 50 -31.44 -33.44 1.51
C LEU B 50 -31.42 -33.10 0.03
N ALA B 51 -31.61 -31.83 -0.28
CA ALA B 51 -31.62 -31.37 -1.67
C ALA B 51 -30.26 -31.63 -2.32
N LEU B 52 -29.19 -31.27 -1.61
CA LEU B 52 -27.83 -31.46 -2.11
C LEU B 52 -27.51 -32.93 -2.30
N THR B 53 -28.05 -33.77 -1.43
CA THR B 53 -27.81 -35.20 -1.52
C THR B 53 -28.53 -35.74 -2.76
N GLU B 54 -29.82 -35.44 -2.88
CA GLU B 54 -30.58 -35.92 -4.04
C GLU B 54 -29.98 -35.39 -5.35
N GLU B 55 -29.47 -34.16 -5.33
CA GLU B 55 -28.86 -33.58 -6.51
C GLU B 55 -27.61 -34.34 -6.92
N LEU B 56 -26.85 -34.80 -5.94
CA LEU B 56 -25.63 -35.55 -6.22
C LEU B 56 -25.97 -36.89 -6.87
N ARG B 57 -27.15 -37.43 -6.53
CA ARG B 57 -27.57 -38.71 -7.11
C ARG B 57 -28.07 -38.54 -8.55
N ARG B 58 -28.73 -37.42 -8.82
CA ARG B 58 -29.24 -37.15 -10.16
C ARG B 58 -28.13 -36.62 -11.06
N GLY B 59 -26.93 -36.51 -10.51
CA GLY B 59 -25.80 -36.02 -11.28
C GLY B 59 -25.66 -34.51 -11.38
N GLN B 60 -26.45 -33.76 -10.61
CA GLN B 60 -26.36 -32.31 -10.65
C GLN B 60 -25.43 -31.79 -9.55
N VAL B 61 -24.38 -31.08 -9.95
CA VAL B 61 -23.40 -30.53 -9.03
C VAL B 61 -23.40 -29.01 -9.14
N ARG B 62 -23.60 -28.33 -8.01
CA ARG B 62 -23.63 -26.88 -8.00
C ARG B 62 -22.27 -26.23 -8.21
N GLY B 63 -21.25 -26.83 -7.61
CA GLY B 63 -19.89 -26.32 -7.73
C GLY B 63 -18.91 -27.20 -6.98
N PRO B 64 -17.66 -26.73 -6.77
CA PRO B 64 -16.61 -27.49 -6.08
C PRO B 64 -16.81 -27.75 -4.58
N LEU B 65 -17.76 -27.05 -3.97
CA LEU B 65 -18.03 -27.22 -2.53
C LEU B 65 -19.37 -27.92 -2.32
N HIS B 66 -19.95 -28.43 -3.39
CA HIS B 66 -21.25 -29.09 -3.32
C HIS B 66 -21.41 -30.08 -2.16
N GLY B 67 -22.38 -29.81 -1.28
CA GLY B 67 -22.66 -30.69 -0.16
C GLY B 67 -21.74 -30.61 1.05
N LEU B 68 -20.76 -29.71 1.02
CA LEU B 68 -19.80 -29.54 2.13
C LEU B 68 -20.32 -28.55 3.18
N PRO B 69 -20.46 -29.02 4.43
CA PRO B 69 -20.94 -28.20 5.54
C PRO B 69 -19.90 -27.22 6.09
N LEU B 70 -20.26 -25.94 6.10
CA LEU B 70 -19.37 -24.88 6.58
C LEU B 70 -20.14 -23.90 7.46
N THR B 71 -19.42 -23.16 8.31
CA THR B 71 -20.06 -22.15 9.16
C THR B 71 -19.54 -20.77 8.75
N VAL B 72 -20.22 -19.74 9.21
CA VAL B 72 -19.85 -18.36 8.86
C VAL B 72 -19.86 -17.45 10.09
N LYS B 73 -18.80 -16.66 10.26
CA LYS B 73 -18.68 -15.73 11.38
C LYS B 73 -19.90 -14.82 11.32
N ASP B 74 -20.54 -14.56 12.47
CA ASP B 74 -21.77 -13.76 12.48
C ASP B 74 -21.73 -12.28 12.10
N LEU B 75 -20.83 -11.90 11.20
CA LEU B 75 -20.77 -10.51 10.73
C LEU B 75 -21.05 -10.51 9.22
N PHE B 76 -21.14 -11.71 8.66
CA PHE B 76 -21.43 -11.92 7.24
C PHE B 76 -22.90 -12.33 7.12
N PRO B 77 -23.73 -11.51 6.45
CA PRO B 77 -25.13 -11.91 6.32
C PRO B 77 -25.26 -13.21 5.50
N VAL B 78 -26.09 -14.12 5.99
CA VAL B 78 -26.34 -15.39 5.30
C VAL B 78 -27.86 -15.53 5.15
N LYS B 79 -28.33 -15.89 3.96
CA LYS B 79 -29.75 -16.03 3.71
C LYS B 79 -30.45 -16.95 4.72
N GLY B 80 -31.60 -16.51 5.22
CA GLY B 80 -32.35 -17.31 6.17
C GLY B 80 -31.81 -17.28 7.59
N MET B 81 -30.72 -16.55 7.81
CA MET B 81 -30.12 -16.47 9.13
C MET B 81 -29.92 -15.02 9.59
N PRO B 82 -30.20 -14.75 10.87
CA PRO B 82 -30.04 -13.42 11.45
C PRO B 82 -28.56 -13.11 11.68
N THR B 83 -28.22 -11.83 11.65
CA THR B 83 -26.84 -11.38 11.85
C THR B 83 -26.84 -10.45 13.05
N ARG B 84 -26.13 -10.84 14.12
CA ARG B 84 -26.10 -10.04 15.33
C ARG B 84 -24.73 -9.48 15.71
N ALA B 85 -23.68 -9.95 15.04
CA ALA B 85 -22.32 -9.48 15.29
C ALA B 85 -21.91 -9.49 16.76
N GLY B 86 -22.47 -10.42 17.53
CA GLY B 86 -22.13 -10.55 18.94
C GLY B 86 -22.44 -9.37 19.84
N THR B 87 -23.39 -8.54 19.43
CA THR B 87 -23.75 -7.36 20.19
C THR B 87 -25.25 -7.23 20.35
N LYS B 88 -25.68 -6.36 21.27
CA LYS B 88 -27.09 -6.12 21.52
C LYS B 88 -27.48 -4.78 20.91
N ALA B 89 -26.49 -4.07 20.40
CA ALA B 89 -26.74 -2.77 19.78
C ALA B 89 -27.22 -2.96 18.35
N PRO B 90 -27.94 -1.97 17.80
CA PRO B 90 -28.42 -2.08 16.43
C PRO B 90 -27.24 -1.98 15.47
N LEU B 91 -27.37 -2.62 14.30
CA LEU B 91 -26.31 -2.60 13.31
C LEU B 91 -26.71 -1.77 12.11
N PRO B 92 -25.71 -1.21 11.39
CA PRO B 92 -26.04 -0.40 10.21
C PRO B 92 -26.68 -1.31 9.16
N PRO B 93 -27.36 -0.72 8.16
CA PRO B 93 -28.00 -1.53 7.12
C PRO B 93 -27.04 -2.48 6.42
N LEU B 94 -27.50 -3.69 6.15
CA LEU B 94 -26.70 -4.71 5.48
C LEU B 94 -27.60 -5.55 4.58
N PRO B 95 -27.07 -6.03 3.45
CA PRO B 95 -27.88 -6.84 2.53
C PRO B 95 -28.22 -8.19 3.15
N GLU B 96 -29.06 -8.95 2.45
CA GLU B 96 -29.48 -10.27 2.91
C GLU B 96 -28.33 -11.28 2.89
N GLU B 97 -27.36 -11.06 2.01
CA GLU B 97 -26.23 -11.97 1.88
C GLU B 97 -24.93 -11.28 1.44
N ALA B 98 -23.85 -11.54 2.18
CA ALA B 98 -22.54 -10.97 1.87
C ALA B 98 -22.01 -11.60 0.58
N ARG B 99 -21.28 -10.81 -0.21
CA ARG B 99 -20.71 -11.28 -1.47
C ARG B 99 -19.89 -12.57 -1.27
N ALA B 100 -19.07 -12.59 -0.22
CA ALA B 100 -18.24 -13.76 0.07
C ALA B 100 -19.09 -14.99 0.33
N VAL B 101 -20.20 -14.80 1.04
CA VAL B 101 -21.10 -15.90 1.36
C VAL B 101 -21.71 -16.41 0.04
N ARG B 102 -22.10 -15.48 -0.84
CA ARG B 102 -22.67 -15.85 -2.13
C ARG B 102 -21.72 -16.77 -2.88
N ARG B 103 -20.43 -16.47 -2.83
CA ARG B 103 -19.42 -17.27 -3.50
C ARG B 103 -19.49 -18.71 -3.00
N LEU B 104 -19.58 -18.88 -1.69
CA LEU B 104 -19.67 -20.21 -1.09
C LEU B 104 -20.94 -20.93 -1.47
N ARG B 105 -22.08 -20.23 -1.38
CA ARG B 105 -23.36 -20.82 -1.71
C ARG B 105 -23.40 -21.26 -3.17
N GLU B 106 -22.97 -20.37 -4.07
CA GLU B 106 -22.97 -20.69 -5.51
C GLU B 106 -22.02 -21.85 -5.80
N ALA B 107 -21.04 -22.05 -4.92
CA ALA B 107 -20.08 -23.14 -5.09
C ALA B 107 -20.70 -24.44 -4.60
N GLY B 108 -21.90 -24.36 -4.01
CA GLY B 108 -22.58 -25.55 -3.54
C GLY B 108 -22.43 -25.89 -2.07
N ALA B 109 -21.65 -25.08 -1.34
CA ALA B 109 -21.44 -25.32 0.08
C ALA B 109 -22.75 -25.29 0.86
N LEU B 110 -22.76 -25.99 1.99
CA LEU B 110 -23.92 -26.02 2.85
C LEU B 110 -23.62 -25.20 4.09
N LEU B 111 -24.09 -23.96 4.10
CA LEU B 111 -23.87 -23.06 5.23
C LEU B 111 -24.97 -23.39 6.23
N PHE B 112 -24.60 -24.00 7.34
CA PHE B 112 -25.58 -24.43 8.34
C PHE B 112 -25.61 -23.68 9.67
N ALA B 113 -24.67 -22.75 9.88
CA ALA B 113 -24.66 -22.00 11.14
C ALA B 113 -23.77 -20.77 11.13
N LYS B 114 -24.08 -19.84 12.03
CA LYS B 114 -23.29 -18.62 12.18
C LYS B 114 -22.50 -18.85 13.45
N THR B 115 -21.23 -18.43 13.47
CA THR B 115 -20.41 -18.65 14.64
C THR B 115 -20.27 -17.48 15.61
N ASN B 116 -19.98 -17.72 16.85
CA ASN B 116 -20.04 -16.58 17.76
C ASN B 116 -18.83 -15.74 17.34
N HIS B 118 -16.24 -12.08 18.94
CA HIS B 118 -16.04 -11.02 19.92
C HIS B 118 -16.94 -9.90 19.41
N GLU B 119 -17.63 -9.22 20.33
CA GLU B 119 -18.56 -8.15 19.98
C GLU B 119 -18.06 -7.18 18.89
N ILE B 120 -18.83 -7.09 17.80
CA ILE B 120 -18.55 -6.27 16.62
C ILE B 120 -17.11 -6.38 16.13
N ALA B 121 -16.50 -7.53 16.42
CA ALA B 121 -15.13 -7.84 16.01
C ALA B 121 -14.08 -6.93 16.62
N LEU B 122 -14.48 -6.14 17.63
CA LEU B 122 -13.55 -5.23 18.27
C LEU B 122 -12.94 -5.83 19.53
N GLY B 123 -12.08 -6.82 19.35
CA GLY B 123 -11.45 -7.47 20.49
C GLY B 123 -10.91 -8.83 20.10
N ILE B 124 -9.98 -9.36 20.88
CA ILE B 124 -9.38 -10.65 20.58
C ILE B 124 -9.45 -11.70 21.68
N THR B 125 -10.18 -11.43 22.76
CA THR B 125 -10.27 -12.40 23.85
C THR B 125 -11.30 -13.49 23.57
N GLY B 126 -12.42 -13.12 22.98
CA GLY B 126 -13.46 -14.09 22.69
C GLY B 126 -14.47 -14.18 23.82
N GLU B 127 -14.27 -13.36 24.85
CA GLU B 127 -15.17 -13.32 26.00
C GLU B 127 -16.21 -12.26 25.65
N ASN B 128 -17.47 -12.65 25.73
CA ASN B 128 -18.58 -11.78 25.36
C ASN B 128 -19.72 -11.87 26.38
N PRO B 129 -19.97 -10.78 27.12
CA PRO B 129 -21.04 -10.77 28.12
C PRO B 129 -22.46 -10.91 27.55
N TRP B 130 -22.62 -10.58 26.26
CA TRP B 130 -23.93 -10.67 25.62
C TRP B 130 -24.28 -12.10 25.19
N THR B 131 -23.31 -12.77 24.57
CA THR B 131 -23.50 -14.12 24.05
C THR B 131 -22.86 -15.21 24.91
N GLY B 132 -21.99 -14.79 25.81
CA GLY B 132 -21.28 -15.75 26.63
C GLY B 132 -19.96 -15.92 25.90
N PRO B 133 -18.89 -16.31 26.60
CA PRO B 133 -17.60 -16.48 25.92
C PRO B 133 -17.52 -17.71 25.04
N VAL B 134 -16.60 -17.69 24.08
CA VAL B 134 -16.37 -18.86 23.26
C VAL B 134 -15.22 -19.47 24.02
N ARG B 135 -15.27 -20.78 24.25
CA ARG B 135 -14.23 -21.46 25.01
C ARG B 135 -13.28 -22.26 24.12
N ASN B 136 -12.01 -22.24 24.49
CA ASN B 136 -10.97 -22.93 23.74
C ASN B 136 -11.29 -24.38 23.42
N ALA B 137 -11.09 -24.74 22.16
CA ALA B 137 -11.36 -26.09 21.66
C ALA B 137 -10.60 -27.18 22.43
N VAL B 138 -9.39 -26.87 22.89
CA VAL B 138 -8.60 -27.86 23.61
C VAL B 138 -8.89 -27.91 25.12
N ASP B 139 -8.99 -26.74 25.74
CA ASP B 139 -9.24 -26.63 27.17
C ASP B 139 -10.39 -25.64 27.37
N PRO B 140 -11.55 -26.12 27.84
CA PRO B 140 -12.75 -25.30 28.06
C PRO B 140 -12.63 -24.21 29.12
N SER B 141 -11.50 -24.17 29.81
CA SER B 141 -11.28 -23.14 30.83
C SER B 141 -10.34 -22.05 30.32
N ARG B 142 -9.90 -22.18 29.06
CA ARG B 142 -9.03 -21.18 28.46
C ARG B 142 -9.77 -20.43 27.36
N GLN B 143 -9.24 -19.27 26.99
CA GLN B 143 -9.86 -18.44 25.96
C GLN B 143 -9.76 -19.03 24.56
N ALA B 144 -10.80 -18.88 23.78
CA ALA B 144 -10.81 -19.36 22.40
C ALA B 144 -10.15 -18.23 21.63
N GLY B 145 -10.15 -17.20 22.07
CA GLY B 145 -9.52 -16.05 21.47
C GLY B 145 -10.36 -15.39 20.41
N GLY B 146 -9.87 -14.24 19.72
CA GLY B 146 -10.73 -13.63 18.70
C GLY B 146 -10.29 -12.89 17.46
N SER B 147 -11.44 -12.19 16.72
CA SER B 147 -12.83 -12.04 17.15
C SER B 147 -13.42 -13.14 16.27
N SER B 148 -12.75 -14.17 15.60
CA SER B 148 -13.33 -15.25 14.79
C SER B 148 -13.16 -16.49 15.70
N GLY B 149 -13.32 -16.28 17.01
CA GLY B 149 -13.18 -17.38 17.95
C GLY B 149 -14.08 -18.57 17.70
N GLY B 150 -15.37 -18.32 17.50
CA GLY B 150 -16.32 -19.40 17.27
C GLY B 150 -15.97 -20.20 16.03
N SER B 151 -15.56 -19.49 14.98
CA SER B 151 -15.19 -20.13 13.73
C SER B 151 -13.99 -21.05 13.95
N ALA B 152 -12.98 -20.57 14.69
CA ALA B 152 -11.79 -21.37 14.94
C ALA B 152 -12.12 -22.64 15.72
N VAL B 153 -12.90 -22.49 16.79
CA VAL B 153 -13.30 -23.61 17.63
C VAL B 153 -14.16 -24.59 16.84
N ALA B 154 -15.10 -24.08 16.06
CA ALA B 154 -15.96 -24.95 15.27
C ALA B 154 -15.11 -25.85 14.38
N VAL B 155 -14.16 -25.26 13.67
CA VAL B 155 -13.29 -26.01 12.78
C VAL B 155 -12.41 -27.01 13.52
N ALA B 156 -11.94 -26.61 14.70
CA ALA B 156 -11.09 -27.47 15.51
C ALA B 156 -11.84 -28.72 15.99
N LEU B 157 -13.09 -28.52 16.37
CA LEU B 157 -13.93 -29.60 16.90
C LEU B 157 -14.75 -30.38 15.88
N GLY B 158 -14.64 -30.01 14.61
CA GLY B 158 -15.39 -30.72 13.59
C GLY B 158 -16.81 -30.26 13.43
N ILE B 159 -17.11 -29.03 13.87
CA ILE B 159 -18.44 -28.48 13.70
C ILE B 159 -18.38 -27.78 12.35
N GLY B 160 -18.52 -28.56 11.28
CA GLY B 160 -18.40 -28.01 9.94
C GLY B 160 -16.97 -28.32 9.54
N LEU B 161 -16.69 -28.33 8.24
CA LEU B 161 -15.35 -28.65 7.75
C LEU B 161 -14.40 -27.45 7.65
N ALA B 162 -14.98 -26.25 7.62
CA ALA B 162 -14.22 -25.01 7.53
C ALA B 162 -15.15 -23.88 7.93
N SER B 163 -14.61 -22.67 8.05
CA SER B 163 -15.41 -21.53 8.44
C SER B 163 -14.85 -20.25 7.81
N LEU B 164 -15.70 -19.23 7.68
CA LEU B 164 -15.29 -17.95 7.11
C LEU B 164 -15.29 -16.88 8.20
N GLY B 165 -14.17 -16.19 8.36
CA GLY B 165 -14.08 -15.15 9.38
C GLY B 165 -13.42 -13.89 8.85
N THR B 166 -13.01 -12.99 9.74
CA THR B 166 -12.34 -11.76 9.34
C THR B 166 -11.10 -11.52 10.19
N ASP B 167 -10.17 -10.73 9.66
CA ASP B 167 -8.94 -10.41 10.36
C ASP B 167 -8.60 -8.96 10.10
N THR B 168 -8.58 -8.15 11.17
CA THR B 168 -8.27 -6.73 11.04
C THR B 168 -6.94 -6.44 11.73
N GLY B 169 -6.75 -7.08 12.88
CA GLY B 169 -5.54 -6.92 13.66
C GLY B 169 -4.98 -8.28 14.02
N GLY B 170 -5.63 -9.32 13.47
CA GLY B 170 -5.22 -10.69 13.71
C GLY B 170 -6.38 -11.60 14.09
N SER B 171 -7.60 -11.12 13.88
CA SER B 171 -8.77 -11.90 14.28
C SER B 171 -9.03 -13.24 13.61
N ILE B 172 -8.17 -13.62 12.68
CA ILE B 172 -8.28 -14.93 12.05
C ILE B 172 -7.07 -15.73 12.54
N ARG B 173 -5.91 -15.10 12.48
CA ARG B 173 -4.67 -15.73 12.87
C ARG B 173 -4.58 -16.08 14.36
N ILE B 174 -5.00 -15.16 15.23
CA ILE B 174 -4.96 -15.38 16.68
C ILE B 174 -5.80 -16.60 17.13
N PRO B 175 -7.11 -16.62 16.81
CA PRO B 175 -7.92 -17.77 17.22
C PRO B 175 -7.44 -19.08 16.58
N ALA B 176 -6.85 -18.98 15.39
CA ALA B 176 -6.33 -20.17 14.72
C ALA B 176 -5.22 -20.73 15.60
N GLY B 177 -4.30 -19.87 16.01
CA GLY B 177 -3.21 -20.29 16.85
C GLY B 177 -3.70 -20.82 18.18
N PHE B 178 -4.60 -20.08 18.82
CA PHE B 178 -5.14 -20.48 20.11
C PHE B 178 -5.75 -21.88 20.10
N ASN B 179 -6.46 -22.21 19.02
CA ASN B 179 -7.15 -23.50 18.93
C ASN B 179 -6.52 -24.60 18.09
N GLY B 180 -5.33 -24.35 17.58
CA GLY B 180 -4.65 -25.36 16.78
C GLY B 180 -5.18 -25.66 15.39
N VAL B 181 -5.67 -24.64 14.70
CA VAL B 181 -6.14 -24.83 13.32
C VAL B 181 -5.43 -23.86 12.39
N VAL B 182 -5.75 -23.94 11.11
CA VAL B 182 -5.13 -23.08 10.10
C VAL B 182 -5.99 -21.85 9.82
N GLY B 183 -5.36 -20.68 9.73
CA GLY B 183 -6.10 -19.46 9.44
C GLY B 183 -5.34 -18.64 8.42
N PHE B 184 -5.94 -18.38 7.28
CA PHE B 184 -5.25 -17.60 6.26
C PHE B 184 -5.87 -16.23 6.03
N LYS B 185 -5.03 -15.20 6.09
CA LYS B 185 -5.47 -13.83 5.84
C LYS B 185 -4.84 -13.48 4.50
N PRO B 186 -5.61 -13.52 3.42
CA PRO B 186 -5.07 -13.19 2.10
C PRO B 186 -4.62 -11.74 2.00
N SER B 187 -4.06 -11.38 0.84
CA SER B 187 -3.64 -10.01 0.62
C SER B 187 -4.92 -9.20 0.74
N TYR B 188 -4.83 -7.97 1.22
CA TYR B 188 -6.01 -7.13 1.36
C TYR B 188 -6.76 -7.03 0.03
N GLY B 189 -8.10 -7.06 0.08
CA GLY B 189 -8.89 -6.96 -1.12
C GLY B 189 -9.03 -8.22 -1.96
N ARG B 190 -8.26 -9.25 -1.65
CA ARG B 190 -8.32 -10.50 -2.40
C ARG B 190 -9.74 -11.08 -2.33
N VAL B 191 -10.26 -11.21 -1.11
CA VAL B 191 -11.61 -11.73 -0.91
C VAL B 191 -12.53 -10.55 -0.60
N SER B 192 -13.67 -10.47 -1.28
CA SER B 192 -14.61 -9.37 -1.10
C SER B 192 -15.30 -9.32 0.26
N LEU B 193 -15.32 -8.13 0.85
CA LEU B 193 -15.98 -7.93 2.13
C LEU B 193 -17.29 -7.18 1.90
N GLU B 194 -17.73 -7.14 0.65
CA GLU B 194 -18.97 -6.46 0.31
C GLU B 194 -20.14 -7.14 1.01
N GLY B 195 -21.02 -6.33 1.59
CA GLY B 195 -22.19 -6.86 2.27
C GLY B 195 -21.96 -7.27 3.72
N ALA B 196 -20.70 -7.28 4.14
CA ALA B 196 -20.35 -7.67 5.50
C ALA B 196 -20.21 -6.46 6.42
N LEU B 197 -20.46 -6.67 7.71
CA LEU B 197 -20.33 -5.59 8.69
C LEU B 197 -18.86 -5.18 8.75
N PRO B 198 -18.58 -3.89 8.51
CA PRO B 198 -17.20 -3.41 8.56
C PRO B 198 -16.74 -3.10 9.99
N LEU B 199 -15.44 -3.01 10.18
CA LEU B 199 -14.88 -2.62 11.46
C LEU B 199 -13.96 -1.49 11.03
N SER B 200 -12.89 -1.86 10.34
CA SER B 200 -11.93 -0.91 9.81
C SER B 200 -11.85 -1.23 8.32
N ARG B 201 -12.62 -0.50 7.51
CA ARG B 201 -12.64 -0.75 6.06
C ARG B 201 -11.30 -0.86 5.36
N SER B 202 -10.35 0.00 5.70
CA SER B 202 -9.07 -0.04 5.02
C SER B 202 -8.11 -1.05 5.60
N THR B 203 -8.58 -1.83 6.58
CA THR B 203 -7.74 -2.83 7.21
C THR B 203 -8.41 -4.21 7.36
N ASP B 204 -9.73 -4.29 7.20
CA ASP B 204 -10.44 -5.57 7.33
C ASP B 204 -10.03 -6.54 6.21
N HIS B 205 -9.97 -7.83 6.55
CA HIS B 205 -9.65 -8.92 5.60
C HIS B 205 -10.63 -10.07 5.83
N ALA B 206 -11.15 -10.66 4.75
CA ALA B 206 -12.03 -11.82 4.85
C ALA B 206 -11.12 -13.01 4.59
N GLY B 207 -11.30 -14.09 5.32
CA GLY B 207 -10.44 -15.25 5.14
C GLY B 207 -10.97 -16.52 5.77
N PRO B 208 -10.43 -17.70 5.38
CA PRO B 208 -10.87 -18.98 5.92
C PRO B 208 -10.10 -19.52 7.13
N LEU B 209 -10.80 -20.36 7.88
CA LEU B 209 -10.26 -21.07 9.03
C LEU B 209 -10.48 -22.51 8.60
N THR B 210 -9.40 -23.29 8.60
CA THR B 210 -9.45 -24.68 8.14
C THR B 210 -8.58 -25.60 8.97
N ARG B 211 -8.63 -26.88 8.63
CA ARG B 211 -7.84 -27.91 9.31
C ARG B 211 -6.55 -28.21 8.58
N SER B 212 -6.37 -27.62 7.41
CA SER B 212 -5.15 -27.86 6.62
C SER B 212 -4.86 -26.70 5.68
N VAL B 213 -3.61 -26.59 5.27
CA VAL B 213 -3.20 -25.53 4.37
C VAL B 213 -3.84 -25.73 3.00
N ARG B 214 -3.94 -26.97 2.53
CA ARG B 214 -4.55 -27.19 1.22
C ARG B 214 -6.00 -26.72 1.19
N ASP B 215 -6.70 -26.86 2.32
CA ASP B 215 -8.09 -26.41 2.39
C ASP B 215 -8.15 -24.89 2.34
N ALA B 216 -7.16 -24.25 2.99
CA ALA B 216 -7.11 -22.79 3.00
C ALA B 216 -6.86 -22.28 1.58
N HIS B 217 -5.98 -22.96 0.85
CA HIS B 217 -5.70 -22.57 -0.53
C HIS B 217 -6.95 -22.77 -1.40
N PHE B 218 -7.52 -23.96 -1.31
CA PHE B 218 -8.72 -24.34 -2.05
C PHE B 218 -9.87 -23.35 -1.82
N LEU B 219 -10.16 -23.10 -0.54
CA LEU B 219 -11.24 -22.21 -0.17
C LEU B 219 -10.97 -20.75 -0.54
N THR B 220 -9.73 -20.30 -0.44
CA THR B 220 -9.42 -18.93 -0.80
C THR B 220 -9.67 -18.68 -2.28
N GLU B 221 -9.38 -19.67 -3.13
CA GLU B 221 -9.60 -19.48 -4.57
C GLU B 221 -11.10 -19.28 -4.84
N ILE B 222 -11.93 -20.06 -4.16
CA ILE B 222 -13.37 -19.97 -4.33
C ILE B 222 -13.88 -18.64 -3.78
N LEU B 223 -13.36 -18.26 -2.62
CA LEU B 223 -13.76 -17.01 -1.99
C LEU B 223 -13.33 -15.80 -2.83
N ALA B 224 -12.17 -15.91 -3.48
CA ALA B 224 -11.65 -14.82 -4.30
C ALA B 224 -12.20 -14.85 -5.72
N GLY B 225 -12.75 -16.00 -6.13
CA GLY B 225 -13.28 -16.13 -7.46
C GLY B 225 -12.20 -16.19 -8.51
N GLU B 226 -11.01 -16.64 -8.11
CA GLU B 226 -9.89 -16.73 -9.03
C GLU B 226 -8.93 -17.82 -8.59
N SER B 227 -8.18 -18.38 -9.54
CA SER B 227 -7.23 -19.42 -9.22
C SER B 227 -5.96 -18.76 -8.68
N ILE B 228 -5.37 -19.40 -7.68
CA ILE B 228 -4.15 -18.91 -7.06
C ILE B 228 -3.10 -20.01 -7.19
N PRO B 229 -2.39 -20.04 -8.31
CA PRO B 229 -1.34 -21.04 -8.57
C PRO B 229 -0.37 -21.28 -7.41
N LEU B 230 -0.04 -22.54 -7.19
CA LEU B 230 0.90 -22.93 -6.14
C LEU B 230 2.18 -23.36 -6.85
N GLU B 231 3.31 -22.86 -6.40
CA GLU B 231 4.59 -23.22 -7.02
C GLU B 231 5.33 -24.23 -6.16
N GLY B 232 6.37 -24.83 -6.73
CA GLY B 232 7.16 -25.80 -5.99
C GLY B 232 8.03 -25.10 -4.97
N VAL B 233 8.36 -25.79 -3.88
CA VAL B 233 9.19 -25.21 -2.84
C VAL B 233 10.42 -26.06 -2.56
N GLN B 234 11.59 -25.45 -2.68
CA GLN B 234 12.84 -26.16 -2.40
C GLN B 234 13.81 -25.16 -1.78
N ASN B 235 14.54 -25.61 -0.77
CA ASN B 235 15.50 -24.77 -0.06
C ASN B 235 14.90 -23.39 0.23
N PRO B 236 13.71 -23.36 0.86
CA PRO B 236 13.10 -22.05 1.15
C PRO B 236 13.95 -21.23 2.12
N VAL B 237 13.97 -19.91 1.92
CA VAL B 237 14.74 -19.01 2.76
C VAL B 237 13.75 -18.20 3.63
N PHE B 238 13.82 -18.37 4.94
CA PHE B 238 12.92 -17.68 5.86
C PHE B 238 13.61 -16.55 6.63
N GLY B 239 13.01 -15.37 6.60
CA GLY B 239 13.56 -14.24 7.32
C GLY B 239 12.89 -14.17 8.69
N VAL B 240 13.66 -13.83 9.72
CA VAL B 240 13.14 -13.72 11.08
C VAL B 240 13.46 -12.33 11.62
N PRO B 241 12.42 -11.53 11.90
CA PRO B 241 12.59 -10.17 12.44
C PRO B 241 12.88 -10.20 13.93
N LEU B 242 14.07 -10.65 14.29
CA LEU B 242 14.45 -10.75 15.70
C LEU B 242 14.29 -9.44 16.47
N ASP B 243 14.64 -8.32 15.85
CA ASP B 243 14.51 -7.04 16.54
C ASP B 243 13.04 -6.73 16.87
N PHE B 244 12.15 -7.05 15.95
CA PHE B 244 10.73 -6.80 16.19
C PHE B 244 10.20 -7.69 17.31
N LEU B 245 10.70 -8.92 17.39
CA LEU B 245 10.27 -9.88 18.40
C LEU B 245 10.87 -9.71 19.80
N GLU B 246 11.99 -8.98 19.87
CA GLU B 246 12.66 -8.77 21.14
C GLU B 246 11.71 -8.39 22.28
N GLY B 247 11.67 -9.26 23.29
CA GLY B 247 10.83 -9.02 24.45
C GLY B 247 9.32 -9.11 24.25
N ARG B 248 8.89 -9.56 23.08
CA ARG B 248 7.47 -9.64 22.78
C ARG B 248 6.91 -11.07 22.85
N LEU B 249 7.77 -12.03 23.19
CA LEU B 249 7.32 -13.41 23.28
C LEU B 249 7.40 -13.91 24.73
N GLY B 250 6.63 -14.94 25.02
CA GLY B 250 6.66 -15.53 26.34
C GLY B 250 7.84 -16.50 26.35
N VAL B 251 8.33 -16.82 27.53
CA VAL B 251 9.48 -17.72 27.67
C VAL B 251 9.34 -19.06 26.94
N GLU B 252 8.18 -19.70 27.07
CA GLU B 252 7.97 -21.00 26.43
C GLU B 252 7.85 -20.92 24.91
N VAL B 253 7.15 -19.91 24.41
CA VAL B 253 7.00 -19.74 22.97
C VAL B 253 8.40 -19.40 22.42
N ARG B 254 9.17 -18.65 23.19
CA ARG B 254 10.51 -18.28 22.76
C ARG B 254 11.35 -19.54 22.51
N LYS B 255 11.26 -20.51 23.43
CA LYS B 255 12.03 -21.75 23.30
C LYS B 255 11.58 -22.59 22.11
N ALA B 256 10.26 -22.69 21.93
CA ALA B 256 9.71 -23.46 20.82
C ALA B 256 10.11 -22.81 19.50
N PHE B 257 10.00 -21.49 19.43
CA PHE B 257 10.37 -20.79 18.21
C PHE B 257 11.87 -20.93 17.91
N THR B 258 12.70 -20.80 18.94
CA THR B 258 14.14 -20.93 18.77
C THR B 258 14.47 -22.33 18.29
N ARG B 259 13.80 -23.33 18.87
CA ARG B 259 14.01 -24.71 18.49
C ARG B 259 13.63 -24.90 17.01
N LEU B 260 12.55 -24.28 16.58
CA LEU B 260 12.10 -24.38 15.19
C LEU B 260 13.19 -23.86 14.27
N LEU B 261 13.73 -22.69 14.59
CA LEU B 261 14.77 -22.09 13.76
C LEU B 261 16.01 -22.98 13.70
N GLU B 262 16.29 -23.68 14.80
CA GLU B 262 17.44 -24.57 14.85
C GLU B 262 17.24 -25.84 14.03
N ASP B 263 15.99 -26.28 13.91
CA ASP B 263 15.69 -27.50 13.16
C ASP B 263 15.52 -27.26 11.66
N LEU B 264 15.26 -26.02 11.26
CA LEU B 264 15.04 -25.70 9.85
C LEU B 264 16.21 -26.08 8.93
N PRO B 265 17.46 -25.84 9.37
CA PRO B 265 18.60 -26.19 8.50
C PRO B 265 18.57 -27.67 8.14
N ALA B 266 18.32 -28.53 9.12
CA ALA B 266 18.26 -29.99 8.88
C ALA B 266 17.13 -30.32 7.91
N LEU B 267 16.08 -29.50 7.90
CA LEU B 267 14.94 -29.72 7.00
C LEU B 267 15.25 -29.16 5.61
N ARG B 268 16.48 -28.68 5.43
CA ARG B 268 16.99 -28.12 4.18
C ARG B 268 16.48 -26.72 3.88
N ALA B 269 16.12 -25.98 4.93
CA ALA B 269 15.65 -24.61 4.76
C ALA B 269 16.77 -23.71 5.27
N GLU B 270 16.63 -22.41 5.02
CA GLU B 270 17.63 -21.46 5.46
C GLU B 270 16.96 -20.41 6.33
N VAL B 271 17.64 -20.02 7.41
CA VAL B 271 17.13 -19.01 8.34
C VAL B 271 18.06 -17.79 8.31
N ARG B 272 17.48 -16.63 8.03
CA ARG B 272 18.24 -15.38 7.98
C ARG B 272 17.51 -14.34 8.83
N GLU B 273 18.25 -13.65 9.68
CA GLU B 273 17.65 -12.61 10.49
C GLU B 273 17.41 -11.40 9.59
N VAL B 274 16.29 -10.71 9.81
CA VAL B 274 15.96 -9.52 9.04
C VAL B 274 15.61 -8.45 10.06
N SER B 275 15.57 -7.19 9.63
CA SER B 275 15.24 -6.10 10.53
C SER B 275 13.88 -5.53 10.17
N LEU B 276 13.02 -5.44 11.14
CA LEU B 276 11.65 -4.95 11.01
C LEU B 276 11.23 -4.14 12.23
N PRO B 277 11.87 -2.99 12.46
CA PRO B 277 11.56 -2.17 13.63
C PRO B 277 10.08 -1.83 13.82
N LEU B 278 9.49 -1.24 12.79
CA LEU B 278 8.08 -0.84 12.83
C LEU B 278 7.74 0.01 14.05
N GLU B 279 8.62 0.94 14.38
CA GLU B 279 8.39 1.82 15.52
C GLU B 279 7.06 2.55 15.46
N GLY B 280 6.29 2.46 16.53
CA GLY B 280 5.00 3.14 16.61
C GLY B 280 3.86 2.44 15.90
N VAL B 281 4.12 1.29 15.31
CA VAL B 281 3.08 0.57 14.57
C VAL B 281 1.86 0.27 15.43
N TYR B 282 2.08 -0.02 16.70
CA TYR B 282 0.98 -0.34 17.61
C TYR B 282 -0.05 0.78 17.70
N GLU B 283 0.41 1.99 17.99
CA GLU B 283 -0.51 3.12 18.11
C GLU B 283 -1.05 3.58 16.75
N VAL B 284 -0.25 3.41 15.69
CA VAL B 284 -0.71 3.80 14.35
C VAL B 284 -1.94 2.95 14.03
N TYR B 285 -1.80 1.64 14.22
CA TYR B 285 -2.88 0.69 13.98
C TYR B 285 -4.09 1.00 14.86
N THR B 286 -3.84 1.14 16.16
CA THR B 286 -4.92 1.41 17.09
C THR B 286 -5.75 2.63 16.75
N ARG B 287 -5.07 3.74 16.45
CA ARG B 287 -5.77 4.97 16.11
C ARG B 287 -6.55 4.85 14.81
N LEU B 288 -5.93 4.24 13.80
CA LEU B 288 -6.57 4.09 12.49
C LEU B 288 -7.82 3.22 12.59
N VAL B 289 -7.70 2.07 13.24
CA VAL B 289 -8.82 1.15 13.40
C VAL B 289 -9.93 1.69 14.29
N ARG B 290 -9.57 2.18 15.47
CA ARG B 290 -10.56 2.72 16.38
C ARG B 290 -11.28 3.93 15.78
N TYR B 291 -10.56 4.75 15.05
CA TYR B 291 -11.18 5.90 14.42
C TYR B 291 -12.27 5.43 13.45
N GLU B 292 -11.91 4.50 12.57
CA GLU B 292 -12.86 3.98 11.58
C GLU B 292 -14.03 3.21 12.23
N ALA B 293 -13.70 2.35 13.19
CA ALA B 293 -14.72 1.55 13.88
C ALA B 293 -15.77 2.42 14.58
N ALA B 294 -15.29 3.46 15.26
CA ALA B 294 -16.20 4.37 15.98
C ALA B 294 -17.17 5.05 15.02
N ARG B 295 -16.68 5.39 13.82
CA ARG B 295 -17.52 6.05 12.85
C ARG B 295 -18.56 5.09 12.28
N ILE B 296 -18.19 3.81 12.19
CA ILE B 296 -19.13 2.81 11.67
C ILE B 296 -20.32 2.63 12.61
N HIS B 297 -20.06 2.63 13.92
CA HIS B 297 -21.10 2.44 14.92
C HIS B 297 -21.49 3.72 15.66
N GLU B 298 -21.15 4.87 15.08
CA GLU B 298 -21.46 6.16 15.70
C GLU B 298 -22.93 6.38 16.03
N LYS B 299 -23.82 6.05 15.09
CA LYS B 299 -25.25 6.22 15.31
C LYS B 299 -25.75 5.37 16.49
N ALA B 300 -25.39 4.08 16.47
CA ALA B 300 -25.80 3.16 17.54
C ALA B 300 -25.18 3.57 18.88
N LEU B 301 -23.95 4.06 18.85
CA LEU B 301 -23.27 4.47 20.06
C LEU B 301 -23.97 5.68 20.70
N LYS B 302 -24.65 6.47 19.87
CA LYS B 302 -25.36 7.64 20.35
C LYS B 302 -26.78 7.31 20.83
N GLU B 303 -27.52 6.58 19.99
CA GLU B 303 -28.90 6.21 20.28
C GLU B 303 -29.08 5.02 21.22
N HIS B 304 -28.19 4.04 21.13
CA HIS B 304 -28.28 2.85 21.98
C HIS B 304 -26.92 2.37 22.47
N PRO B 305 -26.22 3.20 23.27
CA PRO B 305 -24.91 2.82 23.78
C PRO B 305 -24.98 1.63 24.74
N GLU B 306 -26.13 1.44 25.38
CA GLU B 306 -26.28 0.33 26.31
C GLU B 306 -26.21 -1.02 25.62
N GLY B 307 -26.30 -1.01 24.29
CA GLY B 307 -26.24 -2.24 23.53
C GLY B 307 -24.82 -2.79 23.40
N PHE B 308 -23.84 -1.97 23.76
CA PHE B 308 -22.44 -2.38 23.70
C PHE B 308 -21.94 -2.74 25.10
N SER B 309 -21.01 -3.69 25.17
CA SER B 309 -20.43 -4.08 26.44
C SER B 309 -19.49 -2.95 26.86
N PRO B 310 -19.15 -2.88 28.15
CA PRO B 310 -18.26 -1.84 28.67
C PRO B 310 -16.94 -1.70 27.91
N GLN B 311 -16.30 -2.82 27.62
CA GLN B 311 -15.02 -2.80 26.92
C GLN B 311 -15.14 -2.19 25.51
N VAL B 312 -16.15 -2.62 24.77
CA VAL B 312 -16.36 -2.13 23.43
C VAL B 312 -16.81 -0.67 23.44
N ARG B 313 -17.71 -0.35 24.36
CA ARG B 313 -18.23 1.01 24.49
C ARG B 313 -17.11 1.99 24.77
N GLU B 314 -16.16 1.59 25.61
CA GLU B 314 -15.03 2.45 25.95
C GLU B 314 -14.11 2.60 24.73
N ALA B 315 -13.92 1.51 24.00
CA ALA B 315 -13.07 1.55 22.82
C ALA B 315 -13.65 2.46 21.74
N LEU B 316 -14.97 2.36 21.53
CA LEU B 316 -15.63 3.18 20.53
C LEU B 316 -15.59 4.66 20.89
N LEU B 317 -15.84 4.96 22.16
CA LEU B 317 -15.80 6.34 22.62
C LEU B 317 -14.40 6.90 22.46
N ALA B 318 -13.40 6.06 22.65
CA ALA B 318 -12.02 6.48 22.51
C ALA B 318 -11.76 6.79 21.04
N GLY B 319 -12.41 6.03 20.15
CA GLY B 319 -12.24 6.25 18.73
C GLY B 319 -12.87 7.57 18.33
N LEU B 320 -14.05 7.86 18.91
CA LEU B 320 -14.76 9.10 18.62
C LEU B 320 -13.96 10.31 19.09
N ALA B 321 -13.16 10.10 20.13
CA ALA B 321 -12.33 11.16 20.69
C ALA B 321 -11.19 11.50 19.74
N LEU B 322 -10.86 10.57 18.85
CA LEU B 322 -9.80 10.82 17.89
C LEU B 322 -10.32 11.77 16.82
N THR B 323 -9.52 12.79 16.49
CA THR B 323 -9.91 13.79 15.50
C THR B 323 -9.54 13.37 14.08
N GLU B 324 -10.13 14.02 13.09
CA GLU B 324 -9.82 13.68 11.71
C GLU B 324 -8.33 13.89 11.46
N LYS B 325 -7.73 14.81 12.22
CA LYS B 325 -6.31 15.09 12.11
C LYS B 325 -5.54 13.84 12.55
N ASP B 326 -5.97 13.24 13.66
CA ASP B 326 -5.34 12.04 14.17
C ASP B 326 -5.41 10.95 13.09
N TYR B 327 -6.55 10.89 12.41
CA TYR B 327 -6.74 9.91 11.37
C TYR B 327 -5.77 10.17 10.20
N ARG B 328 -5.71 11.41 9.74
CA ARG B 328 -4.80 11.76 8.65
C ARG B 328 -3.36 11.39 9.01
N ASP B 329 -2.95 11.67 10.25
CA ASP B 329 -1.61 11.32 10.69
C ASP B 329 -1.38 9.82 10.60
N ALA B 330 -2.35 9.04 11.06
CA ALA B 330 -2.26 7.57 11.04
C ALA B 330 -2.15 7.04 9.61
N VAL B 331 -2.96 7.59 8.72
CA VAL B 331 -2.96 7.21 7.32
C VAL B 331 -1.58 7.45 6.72
N ALA B 332 -1.02 8.63 6.96
CA ALA B 332 0.31 8.96 6.45
C ALA B 332 1.36 8.07 7.10
N GLU B 333 1.25 7.85 8.41
CA GLU B 333 2.21 7.01 9.12
C GLU B 333 2.20 5.56 8.62
N ARG B 334 1.03 5.07 8.18
CA ARG B 334 0.95 3.70 7.66
C ARG B 334 1.73 3.62 6.35
N GLU B 335 1.51 4.60 5.48
CA GLU B 335 2.23 4.62 4.20
C GLU B 335 3.74 4.66 4.43
N ALA B 336 4.18 5.33 5.49
CA ALA B 336 5.60 5.44 5.77
C ALA B 336 6.24 4.11 6.20
N LEU B 337 5.43 3.21 6.73
CA LEU B 337 5.92 1.92 7.19
C LEU B 337 6.09 0.87 6.08
N ARG B 338 5.41 1.05 4.95
CA ARG B 338 5.49 0.07 3.86
C ARG B 338 6.89 -0.29 3.41
N LEU B 339 7.73 0.70 3.14
CA LEU B 339 9.08 0.41 2.66
C LEU B 339 9.85 -0.52 3.60
N GLU B 340 9.68 -0.34 4.91
CA GLU B 340 10.36 -1.16 5.91
C GLU B 340 10.06 -2.65 5.73
N LEU B 341 8.79 -2.95 5.46
CA LEU B 341 8.37 -4.33 5.27
C LEU B 341 8.95 -4.86 3.96
N VAL B 342 8.88 -4.05 2.90
CA VAL B 342 9.42 -4.44 1.60
C VAL B 342 10.88 -4.87 1.72
N LYS B 343 11.68 -4.09 2.43
CA LYS B 343 13.09 -4.40 2.62
C LYS B 343 13.32 -5.69 3.39
N ALA B 344 12.51 -5.91 4.43
CA ALA B 344 12.63 -7.11 5.25
C ALA B 344 12.32 -8.36 4.42
N LEU B 345 11.32 -8.26 3.54
CA LEU B 345 10.92 -9.39 2.70
C LEU B 345 11.84 -9.60 1.51
N ARG B 346 12.57 -8.57 1.12
CA ARG B 346 13.48 -8.65 -0.02
C ARG B 346 14.63 -9.62 0.24
N GLY B 347 14.76 -10.63 -0.60
CA GLY B 347 15.85 -11.58 -0.40
C GLY B 347 15.46 -12.86 0.32
N VAL B 348 14.27 -12.89 0.89
CA VAL B 348 13.80 -14.10 1.58
C VAL B 348 12.47 -14.50 0.97
N ASP B 349 12.06 -15.76 1.15
CA ASP B 349 10.80 -16.21 0.56
C ASP B 349 9.60 -15.78 1.40
N ALA B 350 9.83 -15.63 2.70
CA ALA B 350 8.78 -15.22 3.61
C ALA B 350 9.37 -14.97 4.98
N LEU B 351 8.61 -14.27 5.82
CA LEU B 351 9.04 -13.99 7.16
C LEU B 351 8.36 -15.02 8.05
N LEU B 352 9.02 -15.41 9.14
CA LEU B 352 8.47 -16.36 10.09
C LEU B 352 8.52 -15.76 11.49
N LEU B 353 7.42 -15.90 12.22
CA LEU B 353 7.33 -15.43 13.60
C LEU B 353 6.10 -16.04 14.23
N PRO B 354 6.12 -16.22 15.56
CA PRO B 354 4.96 -16.81 16.24
C PRO B 354 3.74 -15.94 16.02
N VAL B 355 2.56 -16.54 16.08
CA VAL B 355 1.33 -15.79 15.91
C VAL B 355 0.86 -15.33 17.29
N GLN B 356 1.45 -15.91 18.34
CA GLN B 356 1.08 -15.59 19.71
C GLN B 356 2.30 -15.69 20.62
N PRO B 357 2.34 -14.90 21.70
CA PRO B 357 3.48 -14.92 22.63
C PRO B 357 3.32 -16.01 23.69
N LEU B 358 2.11 -16.53 23.82
CA LEU B 358 1.79 -17.56 24.81
C LEU B 358 0.59 -18.39 24.36
N PRO B 359 0.39 -19.56 24.98
CA PRO B 359 -0.77 -20.38 24.59
C PRO B 359 -2.00 -19.66 25.12
N ALA B 360 -3.18 -20.04 24.63
CA ALA B 360 -4.44 -19.45 25.06
C ALA B 360 -4.49 -19.34 26.58
N PRO B 361 -4.61 -18.11 27.11
CA PRO B 361 -4.66 -17.85 28.55
C PRO B 361 -5.98 -18.32 29.19
N PRO B 362 -5.98 -18.50 30.52
CA PRO B 362 -7.21 -18.93 31.20
C PRO B 362 -8.27 -17.86 31.00
N LEU B 363 -9.54 -18.26 31.00
CA LEU B 363 -10.64 -17.30 30.83
C LEU B 363 -10.54 -16.24 31.92
N GLY B 364 -10.64 -14.97 31.52
CA GLY B 364 -10.58 -13.88 32.48
C GLY B 364 -9.21 -13.25 32.64
N THR B 365 -8.20 -13.79 31.96
CA THR B 365 -6.84 -13.25 32.06
C THR B 365 -6.72 -11.86 31.42
N GLU B 366 -6.33 -10.87 32.23
CA GLU B 366 -6.18 -9.50 31.75
C GLU B 366 -4.72 -9.09 31.57
N GLU B 367 -3.83 -9.78 32.28
CA GLU B 367 -2.39 -9.52 32.19
C GLU B 367 -1.65 -10.85 32.01
N VAL B 368 -0.62 -10.83 31.18
CA VAL B 368 0.16 -12.02 30.91
C VAL B 368 1.65 -11.78 31.16
N GLU B 369 2.41 -12.87 31.28
CA GLU B 369 3.84 -12.77 31.52
C GLU B 369 4.66 -12.94 30.25
N LEU B 370 5.33 -11.89 29.83
CA LEU B 370 6.18 -11.96 28.65
C LEU B 370 7.61 -12.10 29.14
N GLU B 371 8.53 -12.43 28.23
CA GLU B 371 9.93 -12.61 28.57
C GLU B 371 10.55 -11.31 29.07
N SER B 372 9.88 -10.19 28.78
CA SER B 372 10.38 -8.88 29.19
C SER B 372 9.56 -8.26 30.32
N GLY B 373 8.63 -9.03 30.88
CA GLY B 373 7.82 -8.52 31.97
C GLY B 373 6.32 -8.68 31.71
N ARG B 374 5.50 -8.34 32.71
CA ARG B 374 4.06 -8.45 32.56
C ARG B 374 3.54 -7.41 31.59
N LYS B 375 2.51 -7.77 30.82
CA LYS B 375 1.96 -6.85 29.84
C LYS B 375 0.45 -7.02 29.75
N GLY B 376 -0.24 -6.01 29.24
CA GLY B 376 -1.68 -6.11 29.10
C GLY B 376 -2.00 -7.12 28.00
N HIS B 377 -3.12 -7.84 28.17
CA HIS B 377 -3.55 -8.86 27.20
C HIS B 377 -3.54 -8.37 25.75
N ARG B 378 -4.30 -7.31 25.47
CA ARG B 378 -4.39 -6.79 24.11
C ARG B 378 -3.04 -6.53 23.46
N GLU B 379 -2.20 -5.75 24.12
CA GLU B 379 -0.90 -5.42 23.57
C GLU B 379 -0.02 -6.65 23.37
N ALA B 380 -0.10 -7.58 24.30
CA ALA B 380 0.70 -8.80 24.21
C ALA B 380 0.30 -9.72 23.06
N PHE B 381 -1.01 -9.83 22.80
CA PHE B 381 -1.52 -10.72 21.75
C PHE B 381 -1.85 -10.12 20.39
N ILE B 382 -1.84 -8.80 20.27
CA ILE B 382 -2.17 -8.22 18.98
C ILE B 382 -0.95 -7.64 18.27
N THR B 383 0.06 -7.27 19.04
CA THR B 383 1.28 -6.71 18.45
C THR B 383 1.96 -7.59 17.41
N LEU B 384 1.98 -8.90 17.63
CA LEU B 384 2.64 -9.80 16.69
C LEU B 384 1.92 -9.94 15.34
N THR B 385 0.61 -9.70 15.33
CA THR B 385 -0.16 -9.86 14.11
C THR B 385 -0.61 -8.61 13.37
N LEU B 386 -0.89 -7.54 14.09
CA LEU B 386 -1.39 -6.32 13.47
C LEU B 386 -0.57 -5.68 12.35
N PRO B 387 0.77 -5.81 12.38
CA PRO B 387 1.51 -5.17 11.30
C PRO B 387 1.18 -5.70 9.92
N PHE B 388 0.93 -7.00 9.82
CA PHE B 388 0.66 -7.61 8.53
C PHE B 388 -0.74 -7.39 8.00
N SER B 389 -1.72 -7.18 8.89
CA SER B 389 -3.06 -6.88 8.42
C SER B 389 -3.09 -5.39 8.11
N LEU B 390 -2.40 -4.59 8.92
CA LEU B 390 -2.32 -3.14 8.69
C LEU B 390 -1.72 -2.83 7.32
N LEU B 391 -0.69 -3.57 6.95
CA LEU B 391 -0.02 -3.36 5.67
C LEU B 391 -0.58 -4.23 4.55
N GLY B 392 -1.59 -5.03 4.88
CA GLY B 392 -2.27 -5.88 3.90
C GLY B 392 -1.58 -7.06 3.23
N VAL B 393 -0.44 -7.50 3.75
CA VAL B 393 0.26 -8.62 3.12
C VAL B 393 -0.29 -9.99 3.50
N PRO B 394 -0.28 -10.95 2.55
CA PRO B 394 -0.80 -12.30 2.82
C PRO B 394 -0.06 -12.96 3.98
N THR B 395 -0.83 -13.45 4.96
CA THR B 395 -0.26 -14.06 6.14
C THR B 395 -1.04 -15.28 6.59
N LEU B 396 -0.32 -16.39 6.69
CA LEU B 396 -0.91 -17.66 7.09
C LEU B 396 -0.54 -17.99 8.53
N ALA B 397 -1.49 -18.56 9.26
CA ALA B 397 -1.24 -18.98 10.63
C ALA B 397 -1.46 -20.49 10.64
N LEU B 398 -0.48 -21.24 11.14
CA LEU B 398 -0.61 -22.69 11.23
C LEU B 398 0.09 -23.19 12.49
N PRO B 399 -0.39 -24.31 13.06
CA PRO B 399 0.19 -24.90 14.28
C PRO B 399 1.62 -25.34 14.08
N PHE B 400 2.48 -25.03 15.04
CA PHE B 400 3.88 -25.44 14.92
C PHE B 400 4.42 -26.04 16.22
N ALA B 401 3.73 -25.82 17.32
CA ALA B 401 4.19 -26.35 18.59
C ALA B 401 3.10 -26.38 19.65
N LYS B 402 3.43 -26.93 20.81
CA LYS B 402 2.49 -27.00 21.92
C LYS B 402 3.19 -26.60 23.20
N VAL B 403 2.46 -25.92 24.09
CA VAL B 403 3.00 -25.50 25.36
C VAL B 403 2.06 -25.99 26.45
N GLU B 404 2.48 -27.00 27.20
CA GLU B 404 1.67 -27.55 28.28
C GLU B 404 0.38 -28.17 27.74
N GLY B 405 0.58 -28.68 26.52
CA GLY B 405 -0.55 -29.29 25.84
C GLY B 405 -1.42 -28.33 25.05
N PRO B 407 -2.03 -25.49 21.96
CA PRO B 407 -1.53 -25.18 20.63
C PRO B 407 -0.88 -23.79 20.53
N VAL B 408 0.17 -23.67 19.73
CA VAL B 408 0.85 -22.40 19.52
C VAL B 408 1.05 -22.30 18.00
N GLY B 409 0.61 -21.20 17.41
CA GLY B 409 0.72 -21.04 15.98
C GLY B 409 1.91 -20.24 15.47
N LEU B 410 2.21 -20.44 14.19
CA LEU B 410 3.31 -19.78 13.51
C LEU B 410 2.79 -18.94 12.36
N GLN B 411 3.38 -17.76 12.17
CA GLN B 411 2.99 -16.89 11.07
C GLN B 411 3.98 -16.99 9.90
N VAL B 412 3.42 -17.06 8.70
CA VAL B 412 4.19 -17.12 7.46
C VAL B 412 3.73 -15.88 6.70
N VAL B 413 4.63 -14.90 6.57
CA VAL B 413 4.32 -13.63 5.90
C VAL B 413 4.99 -13.49 4.54
N GLY B 414 4.21 -13.13 3.54
CA GLY B 414 4.76 -12.94 2.20
C GLY B 414 4.51 -11.54 1.71
N ALA B 415 5.11 -11.19 0.58
CA ALA B 415 4.93 -9.87 0.00
C ALA B 415 3.50 -9.74 -0.51
N TYR B 416 3.03 -8.51 -0.66
CA TYR B 416 1.68 -8.23 -1.15
C TYR B 416 1.47 -9.01 -2.44
N GLY B 417 0.34 -9.72 -2.53
CA GLY B 417 0.03 -10.47 -3.73
C GLY B 417 0.62 -11.88 -3.84
N GLU B 418 1.54 -12.24 -2.94
CA GLU B 418 2.15 -13.57 -2.96
C GLU B 418 1.35 -14.62 -2.20
N ASP B 419 0.03 -14.55 -2.28
CA ASP B 419 -0.83 -15.50 -1.58
C ASP B 419 -0.46 -16.96 -1.89
N GLY B 420 -0.25 -17.25 -3.19
CA GLY B 420 0.09 -18.60 -3.58
C GLY B 420 1.40 -19.11 -3.00
N LYS B 421 2.41 -18.24 -2.97
CA LYS B 421 3.71 -18.60 -2.43
C LYS B 421 3.63 -18.84 -0.92
N VAL B 422 2.91 -17.98 -0.21
CA VAL B 422 2.74 -18.14 1.22
C VAL B 422 2.07 -19.47 1.53
N LEU B 423 1.04 -19.81 0.76
CA LEU B 423 0.33 -21.07 0.96
C LEU B 423 1.23 -22.26 0.61
N ALA B 424 2.05 -22.13 -0.42
CA ALA B 424 2.97 -23.19 -0.83
C ALA B 424 3.99 -23.43 0.28
N LEU B 425 4.55 -22.33 0.80
CA LEU B 425 5.53 -22.41 1.87
C LEU B 425 4.86 -22.97 3.12
N GLY B 426 3.61 -22.58 3.34
CA GLY B 426 2.88 -23.08 4.49
C GLY B 426 2.68 -24.58 4.44
N GLY B 427 2.38 -25.10 3.26
CA GLY B 427 2.17 -26.53 3.10
C GLY B 427 3.46 -27.30 3.33
N TRP B 428 4.56 -26.72 2.86
CA TRP B 428 5.87 -27.32 3.01
C TRP B 428 6.23 -27.46 4.49
N LEU B 429 5.98 -26.40 5.25
CA LEU B 429 6.24 -26.40 6.69
C LEU B 429 5.27 -27.32 7.42
N GLU B 430 3.97 -27.17 7.11
CA GLU B 430 2.93 -27.99 7.72
C GLU B 430 3.24 -29.48 7.68
N ALA B 431 3.76 -29.93 6.54
CA ALA B 431 4.09 -31.34 6.38
C ALA B 431 5.24 -31.78 7.27
N ARG B 432 6.15 -30.87 7.56
CA ARG B 432 7.31 -31.18 8.38
C ARG B 432 7.17 -30.81 9.85
N LEU B 433 6.00 -30.31 10.23
CA LEU B 433 5.73 -29.91 11.61
C LEU B 433 4.77 -30.90 12.27
N GLY B 434 4.46 -30.65 13.53
CA GLY B 434 3.56 -31.53 14.26
C GLY B 434 2.09 -31.24 13.96
#